data_4YIW
#
_entry.id   4YIW
#
_cell.length_a   50.183
_cell.length_b   81.676
_cell.length_c   104.529
_cell.angle_alpha   90.00
_cell.angle_beta   100.29
_cell.angle_gamma   90.00
#
_symmetry.space_group_name_H-M   'P 1 21 1'
#
loop_
_entity.id
_entity.type
_entity.pdbx_description
1 polymer Dihydroorotase
2 non-polymer 'ZINC ION'
3 non-polymer N-CARBAMOYL-L-ASPARTATE
4 water water
#
_entity_poly.entity_id   1
_entity_poly.type   'polypeptide(L)'
_entity_poly.pdbx_seq_one_letter_code
;MGSSHHHHHHSSGLVPRGSHMLQMNYLFKNGRYMNEEGKIVATDLLVQDGKIAKVAENITADNAEVIDVNGKLIAPGLVD
VHVHLREPGGEHKETIETGTLAAAKGGFTTICAMPNTRPVPDCREHMEDLQNRIKEKAHVNVLPYGAITVRQAGSEMTDF
ETLKELGAFAFTDDGVGVQDASMMLAAMKRAAKLNMAVVAHCEENTLINKGCVHEGKFSEKHGLNGIPSVCESVHIARDI
LLAEAADCHYHVCHVSTKGSVRVIRDAKRAGIKVTAEVTPHHLVLCEDDIPSADPNFKMNPPLRGKEDHEALIEGLLDGT
IDMIATDHAPHTAEEKAQGIERAPFGITGFETAFPLLYTNLVKKGIITLEQLIQFLTEKPADTFGLEAGRLKEGRTADIT
IIDLEQEEEIDPTTFLSKGKNTPFAGWKCQGWPVMTIVGGKIAWQKESALV
;
_entity_poly.pdbx_strand_id   A,B
#
loop_
_chem_comp.id
_chem_comp.type
_chem_comp.name
_chem_comp.formula
NCD non-polymer N-CARBAMOYL-L-ASPARTATE 'C5 H8 N2 O5'
ZN non-polymer 'ZINC ION' 'Zn 2'
#
# COMPACT_ATOMS: atom_id res chain seq x y z
N ASN A 25 32.70 30.64 -29.51
CA ASN A 25 32.58 29.39 -30.33
C ASN A 25 33.71 28.44 -30.02
N TYR A 26 33.40 27.38 -29.28
CA TYR A 26 34.41 26.43 -28.85
C TYR A 26 34.43 25.19 -29.73
N LEU A 27 35.63 24.61 -29.84
CA LEU A 27 35.84 23.32 -30.50
C LEU A 27 36.59 22.41 -29.53
N PHE A 28 35.90 21.39 -29.05
CA PHE A 28 36.46 20.42 -28.10
C PHE A 28 37.04 19.25 -28.88
N LYS A 29 38.37 19.12 -28.88
CA LYS A 29 39.04 18.10 -29.70
C LYS A 29 39.56 16.93 -28.88
N ASN A 30 39.55 15.75 -29.50
CA ASN A 30 40.13 14.52 -28.95
C ASN A 30 39.57 14.12 -27.58
N GLY A 31 38.25 14.03 -27.53
CA GLY A 31 37.53 13.53 -26.36
C GLY A 31 36.84 12.22 -26.66
N ARG A 32 36.13 11.68 -25.67
CA ARG A 32 35.36 10.45 -25.83
C ARG A 32 33.97 10.69 -25.26
N TYR A 33 32.97 10.01 -25.81
CA TYR A 33 31.57 10.24 -25.41
C TYR A 33 30.68 9.02 -25.62
N MET A 34 29.49 9.07 -25.02
CA MET A 34 28.48 8.03 -25.15
C MET A 34 27.63 8.30 -26.39
N ASN A 35 27.74 7.44 -27.39
CA ASN A 35 26.93 7.56 -28.61
C ASN A 35 25.48 7.10 -28.39
N GLU A 36 24.62 7.41 -29.35
CA GLU A 36 23.20 7.00 -29.28
C GLU A 36 23.00 5.47 -29.31
N GLU A 37 24.01 4.73 -29.74
CA GLU A 37 23.98 3.25 -29.69
C GLU A 37 24.16 2.73 -28.26
N GLY A 38 25.34 2.97 -27.68
CA GLY A 38 25.66 2.43 -26.36
C GLY A 38 27.14 2.49 -25.97
N LYS A 39 28.02 2.22 -26.95
CA LYS A 39 29.47 2.24 -26.72
C LYS A 39 30.02 3.63 -26.53
N ILE A 40 31.27 3.69 -26.06
CA ILE A 40 31.98 4.96 -25.86
C ILE A 40 33.17 5.04 -26.83
N VAL A 41 33.15 6.06 -27.68
CA VAL A 41 34.12 6.20 -28.77
C VAL A 41 34.65 7.63 -28.90
N ALA A 42 35.73 7.78 -29.66
CA ALA A 42 36.39 9.07 -29.84
C ALA A 42 35.58 10.03 -30.72
N THR A 43 35.68 11.33 -30.43
CA THR A 43 34.93 12.36 -31.18
C THR A 43 35.38 13.78 -30.82
N ASP A 44 35.02 14.73 -31.68
CA ASP A 44 35.13 16.15 -31.39
C ASP A 44 33.73 16.71 -31.18
N LEU A 45 33.63 17.96 -30.73
CA LEU A 45 32.35 18.64 -30.57
C LEU A 45 32.51 20.13 -30.84
N LEU A 46 31.67 20.67 -31.71
CA LEU A 46 31.71 22.08 -32.09
C LEU A 46 30.51 22.81 -31.50
N VAL A 47 30.76 23.94 -30.83
CA VAL A 47 29.69 24.75 -30.23
C VAL A 47 29.66 26.13 -30.89
N GLN A 48 28.49 26.55 -31.36
CA GLN A 48 28.29 27.88 -31.92
C GLN A 48 26.92 28.44 -31.55
N ASP A 49 26.89 29.71 -31.16
CA ASP A 49 25.66 30.41 -30.74
C ASP A 49 24.95 29.76 -29.54
N GLY A 50 25.72 29.05 -28.72
CA GLY A 50 25.18 28.34 -27.56
C GLY A 50 24.43 27.06 -27.91
N LYS A 51 24.80 26.43 -29.03
CA LYS A 51 24.20 25.16 -29.46
C LYS A 51 25.25 24.20 -30.01
N ILE A 52 24.96 22.91 -29.90
CA ILE A 52 25.87 21.88 -30.41
C ILE A 52 25.73 21.83 -31.93
N ALA A 53 26.82 22.12 -32.62
CA ALA A 53 26.81 22.27 -34.08
C ALA A 53 27.18 20.98 -34.82
N LYS A 54 28.17 20.25 -34.30
CA LYS A 54 28.59 18.96 -34.88
C LYS A 54 29.11 18.02 -33.81
N VAL A 55 28.87 16.72 -34.01
CA VAL A 55 29.37 15.69 -33.12
C VAL A 55 30.01 14.57 -33.96
N ALA A 56 31.15 14.88 -34.55
CA ALA A 56 31.89 13.93 -35.39
C ALA A 56 33.38 14.05 -35.09
N GLU A 57 34.15 12.99 -35.38
CA GLU A 57 35.59 13.01 -35.15
C GLU A 57 36.32 13.81 -36.23
N ASN A 58 37.37 14.53 -35.82
CA ASN A 58 38.20 15.35 -36.70
C ASN A 58 37.45 16.50 -37.40
N ILE A 59 36.92 17.41 -36.59
CA ILE A 59 36.26 18.62 -37.09
C ILE A 59 37.30 19.69 -37.38
N THR A 60 36.99 20.59 -38.32
CA THR A 60 37.80 21.79 -38.56
C THR A 60 36.91 23.03 -38.59
N ALA A 61 37.37 24.11 -37.96
CA ALA A 61 36.67 25.40 -37.96
C ALA A 61 37.66 26.52 -37.60
N ASP A 62 38.05 27.28 -38.62
CA ASP A 62 39.22 28.17 -38.54
C ASP A 62 39.13 29.34 -37.54
N ASN A 63 37.92 29.80 -37.25
CA ASN A 63 37.74 30.92 -36.31
C ASN A 63 36.90 30.54 -35.08
N ALA A 64 37.35 29.47 -34.42
CA ALA A 64 36.76 28.99 -33.16
C ALA A 64 37.88 28.56 -32.21
N GLU A 65 37.74 28.92 -30.94
CA GLU A 65 38.79 28.69 -29.94
C GLU A 65 38.92 27.20 -29.56
N VAL A 66 40.11 26.63 -29.79
CA VAL A 66 40.34 25.19 -29.59
C VAL A 66 40.55 24.83 -28.11
N ILE A 67 39.98 23.69 -27.71
CA ILE A 67 40.16 23.15 -26.35
C ILE A 67 40.38 21.63 -26.44
N ASP A 68 41.65 21.21 -26.39
CA ASP A 68 42.00 19.79 -26.46
C ASP A 68 41.79 19.17 -25.07
N VAL A 69 41.02 18.08 -25.00
CA VAL A 69 40.68 17.46 -23.71
C VAL A 69 41.52 16.22 -23.37
N ASN A 70 42.29 15.72 -24.34
CA ASN A 70 43.17 14.57 -24.15
C ASN A 70 42.47 13.35 -23.58
N GLY A 71 41.55 12.78 -24.36
CA GLY A 71 40.91 11.51 -24.03
C GLY A 71 39.89 11.51 -22.89
N LYS A 72 39.60 12.67 -22.32
CA LYS A 72 38.59 12.77 -21.25
C LYS A 72 37.17 12.57 -21.78
N LEU A 73 36.24 12.33 -20.87
CA LEU A 73 34.85 12.10 -21.21
C LEU A 73 34.11 13.42 -21.45
N ILE A 74 33.56 13.59 -22.64
CA ILE A 74 32.63 14.69 -22.93
C ILE A 74 31.22 14.19 -22.65
N ALA A 75 30.65 14.63 -21.54
CA ALA A 75 29.30 14.21 -21.14
C ALA A 75 28.31 15.33 -21.34
N PRO A 76 27.01 14.99 -21.53
CA PRO A 76 25.99 16.03 -21.47
C PRO A 76 25.88 16.56 -20.04
N GLY A 77 25.42 17.79 -19.91
CA GLY A 77 25.30 18.43 -18.61
C GLY A 77 24.39 17.60 -17.73
N LEU A 78 24.85 17.32 -16.51
CA LEU A 78 24.10 16.47 -15.58
C LEU A 78 22.82 17.16 -15.09
N VAL A 79 21.80 16.36 -14.80
CA VAL A 79 20.47 16.86 -14.41
C VAL A 79 20.08 16.28 -13.05
N ASP A 80 19.79 17.17 -12.10
CA ASP A 80 19.42 16.77 -10.75
C ASP A 80 18.02 17.26 -10.39
N VAL A 81 17.09 16.32 -10.19
CA VAL A 81 15.70 16.67 -9.91
C VAL A 81 15.37 16.86 -8.41
N HIS A 82 16.40 16.93 -7.56
CA HIS A 82 16.19 17.09 -6.11
C HIS A 82 17.30 17.90 -5.46
N VAL A 83 17.03 19.17 -5.21
CA VAL A 83 18.05 20.13 -4.77
C VAL A 83 17.49 21.11 -3.75
N HIS A 84 18.35 21.56 -2.83
CA HIS A 84 17.99 22.60 -1.85
C HIS A 84 18.99 23.76 -1.88
N LEU A 85 18.56 24.88 -2.45
CA LEU A 85 19.40 26.08 -2.58
C LEU A 85 19.24 27.07 -1.41
N ARG A 86 18.25 26.81 -0.53
CA ARG A 86 18.08 27.53 0.76
C ARG A 86 17.62 29.01 0.69
N GLU A 87 18.10 29.76 -0.28
CA GLU A 87 17.54 31.09 -0.56
C GLU A 87 16.17 30.93 -1.22
N PRO A 88 15.14 31.66 -0.75
CA PRO A 88 15.14 32.65 0.32
C PRO A 88 14.89 32.05 1.71
N GLY A 89 15.48 32.66 2.73
CA GLY A 89 15.27 32.26 4.12
C GLY A 89 16.46 31.60 4.78
N GLY A 90 17.19 30.79 4.03
CA GLY A 90 18.33 30.03 4.56
C GLY A 90 19.68 30.45 4.01
N GLU A 91 19.88 31.75 3.84
CA GLU A 91 21.08 32.30 3.19
C GLU A 91 22.39 31.84 3.84
N HIS A 92 22.40 31.71 5.16
CA HIS A 92 23.60 31.25 5.90
C HIS A 92 24.04 29.82 5.53
N LYS A 93 23.09 28.99 5.14
CA LYS A 93 23.35 27.60 4.74
C LYS A 93 23.82 27.48 3.30
N GLU A 94 23.22 28.27 2.42
CA GLU A 94 23.51 28.25 0.98
C GLU A 94 22.77 29.42 0.31
N THR A 95 23.30 29.87 -0.83
CA THR A 95 22.62 30.86 -1.68
C THR A 95 22.45 30.31 -3.08
N ILE A 96 21.69 31.02 -3.91
CA ILE A 96 21.46 30.62 -5.30
C ILE A 96 22.82 30.58 -6.01
N GLU A 97 23.58 31.66 -5.86
CA GLU A 97 24.95 31.77 -6.39
C GLU A 97 25.83 30.59 -6.03
N THR A 98 26.03 30.41 -4.72
CA THR A 98 26.98 29.44 -4.21
C THR A 98 26.51 28.01 -4.53
N GLY A 99 25.21 27.79 -4.39
CA GLY A 99 24.61 26.48 -4.70
C GLY A 99 24.78 26.07 -6.14
N THR A 100 24.51 26.99 -7.07
CA THR A 100 24.61 26.69 -8.50
C THR A 100 26.06 26.66 -9.00
N LEU A 101 26.93 27.40 -8.34
CA LEU A 101 28.37 27.35 -8.60
C LEU A 101 28.91 25.98 -8.17
N ALA A 102 28.39 25.46 -7.06
CA ALA A 102 28.72 24.10 -6.61
C ALA A 102 28.15 23.04 -7.56
N ALA A 103 26.97 23.30 -8.12
CA ALA A 103 26.35 22.41 -9.10
C ALA A 103 27.20 22.32 -10.37
N ALA A 104 27.54 23.48 -10.90
CA ALA A 104 28.45 23.59 -12.05
C ALA A 104 29.71 22.73 -11.84
N LYS A 105 30.35 22.90 -10.69
CA LYS A 105 31.56 22.15 -10.34
C LYS A 105 31.33 20.64 -10.31
N GLY A 106 30.17 20.21 -9.81
CA GLY A 106 29.78 18.80 -9.80
C GLY A 106 29.39 18.21 -11.15
N GLY A 107 29.22 19.05 -12.17
CA GLY A 107 28.89 18.60 -13.53
C GLY A 107 27.46 18.90 -13.94
N PHE A 108 26.68 19.50 -13.03
CA PHE A 108 25.25 19.72 -13.25
C PHE A 108 24.97 21.04 -13.95
N THR A 109 24.17 20.98 -15.02
CA THR A 109 23.74 22.17 -15.78
C THR A 109 22.26 22.50 -15.59
N THR A 110 21.47 21.52 -15.18
CA THR A 110 20.06 21.74 -14.84
C THR A 110 19.77 21.13 -13.48
N ILE A 111 19.22 21.94 -12.59
CA ILE A 111 18.86 21.49 -11.24
C ILE A 111 17.42 21.91 -10.94
N CYS A 112 16.76 21.18 -10.05
CA CYS A 112 15.37 21.43 -9.70
C CYS A 112 15.26 21.74 -8.20
N ALA A 113 14.97 23.00 -7.88
CA ALA A 113 15.03 23.48 -6.50
C ALA A 113 13.75 23.20 -5.73
N MET A 114 13.90 22.58 -4.56
CA MET A 114 12.75 22.17 -3.74
C MET A 114 12.14 23.37 -3.00
N PRO A 115 10.85 23.27 -2.61
CA PRO A 115 10.11 24.44 -2.15
C PRO A 115 10.04 24.65 -0.63
N ASN A 116 10.91 24.00 0.14
CA ASN A 116 10.92 24.17 1.61
C ASN A 116 11.79 25.35 2.06
N THR A 117 11.46 26.53 1.53
CA THR A 117 12.17 27.76 1.84
C THR A 117 11.28 28.66 2.70
N ARG A 118 11.77 29.85 3.02
CA ARG A 118 10.98 30.85 3.76
C ARG A 118 11.14 32.22 3.11
N PRO A 119 10.12 32.68 2.35
CA PRO A 119 8.80 32.06 2.12
C PRO A 119 8.79 30.89 1.14
N VAL A 120 7.75 30.07 1.25
CA VAL A 120 7.50 28.95 0.34
C VAL A 120 6.98 29.50 -0.99
N PRO A 121 7.45 28.96 -2.13
CA PRO A 121 6.85 29.33 -3.40
C PRO A 121 5.47 28.66 -3.58
N ASP A 122 4.47 29.24 -2.93
CA ASP A 122 3.11 28.65 -2.89
C ASP A 122 2.04 29.59 -3.48
N CYS A 123 2.47 30.64 -4.17
CA CYS A 123 1.55 31.62 -4.74
C CYS A 123 2.28 32.49 -5.78
N ARG A 124 1.53 33.37 -6.43
CA ARG A 124 2.07 34.26 -7.48
C ARG A 124 3.26 35.09 -7.01
N GLU A 125 3.10 35.80 -5.89
CA GLU A 125 4.12 36.74 -5.41
C GLU A 125 5.43 36.04 -5.05
N HIS A 126 5.35 34.92 -4.33
CA HIS A 126 6.55 34.20 -3.91
C HIS A 126 7.27 33.50 -5.08
N MET A 127 6.51 32.92 -6.01
CA MET A 127 7.12 32.22 -7.16
C MET A 127 7.81 33.16 -8.13
N GLU A 128 7.20 34.31 -8.40
CA GLU A 128 7.81 35.32 -9.28
C GLU A 128 9.10 35.87 -8.67
N ASP A 129 9.08 36.11 -7.36
CA ASP A 129 10.27 36.54 -6.62
C ASP A 129 11.40 35.51 -6.70
N LEU A 130 11.04 34.23 -6.65
CA LEU A 130 12.00 33.14 -6.78
C LEU A 130 12.62 33.12 -8.18
N GLN A 131 11.78 33.22 -9.21
CA GLN A 131 12.25 33.23 -10.60
C GLN A 131 13.15 34.43 -10.90
N ASN A 132 12.89 35.56 -10.25
CA ASN A 132 13.71 36.76 -10.42
C ASN A 132 15.11 36.61 -9.84
N ARG A 133 15.20 35.96 -8.69
CA ARG A 133 16.50 35.64 -8.08
C ARG A 133 17.30 34.64 -8.93
N ILE A 134 16.61 33.62 -9.44
CA ILE A 134 17.23 32.64 -10.35
C ILE A 134 17.80 33.35 -11.59
N LYS A 135 16.95 34.15 -12.23
CA LYS A 135 17.32 34.90 -13.43
C LYS A 135 18.50 35.86 -13.18
N GLU A 136 18.55 36.41 -11.98
CA GLU A 136 19.51 37.45 -11.63
C GLU A 136 20.89 36.93 -11.25
N LYS A 137 20.98 35.74 -10.65
CA LYS A 137 22.28 35.26 -10.17
C LYS A 137 22.50 33.74 -10.12
N ALA A 138 21.83 32.98 -10.99
CA ALA A 138 22.07 31.54 -11.09
C ALA A 138 23.12 31.25 -12.15
N HIS A 139 24.08 30.39 -11.82
CA HIS A 139 25.13 30.00 -12.77
C HIS A 139 24.76 28.79 -13.62
N VAL A 140 23.69 28.09 -13.27
CA VAL A 140 23.15 26.99 -14.07
C VAL A 140 21.63 27.13 -14.18
N ASN A 141 20.99 26.24 -14.93
CA ASN A 141 19.54 26.29 -15.09
C ASN A 141 18.84 25.73 -13.85
N VAL A 142 17.93 26.54 -13.28
CA VAL A 142 17.21 26.15 -12.06
C VAL A 142 15.71 26.09 -12.34
N LEU A 143 15.14 24.90 -12.28
CA LEU A 143 13.71 24.69 -12.47
C LEU A 143 13.02 24.53 -11.12
N PRO A 144 12.33 25.58 -10.65
CA PRO A 144 11.78 25.56 -9.29
C PRO A 144 10.52 24.69 -9.14
N TYR A 145 10.49 23.88 -8.08
CA TYR A 145 9.29 23.14 -7.69
C TYR A 145 8.26 24.11 -7.11
N GLY A 146 7.01 23.65 -7.08
CA GLY A 146 5.92 24.36 -6.43
C GLY A 146 5.41 23.52 -5.28
N ALA A 147 4.85 24.18 -4.27
CA ALA A 147 4.28 23.48 -3.12
C ALA A 147 2.91 22.89 -3.47
N ILE A 148 2.57 21.77 -2.84
CA ILE A 148 1.23 21.20 -2.96
C ILE A 148 0.28 21.99 -2.08
N THR A 149 0.67 22.24 -0.83
CA THR A 149 -0.15 23.00 0.11
C THR A 149 0.54 24.27 0.58
N VAL A 150 -0.26 25.24 1.01
CA VAL A 150 0.22 26.57 1.38
C VAL A 150 1.05 26.50 2.67
N ARG A 151 2.25 27.06 2.61
CA ARG A 151 3.28 26.98 3.67
C ARG A 151 3.74 25.55 4.03
N GLN A 152 3.46 24.59 3.14
CA GLN A 152 3.68 23.16 3.43
C GLN A 152 2.99 22.67 4.71
N ALA A 153 1.88 23.31 5.08
CA ALA A 153 1.16 23.00 6.32
C ALA A 153 0.06 21.94 6.14
N GLY A 154 -0.28 21.64 4.88
CA GLY A 154 -1.10 20.47 4.57
C GLY A 154 -2.62 20.63 4.58
N SER A 155 -3.11 21.84 4.81
CA SER A 155 -4.56 22.06 4.97
C SER A 155 -5.24 22.76 3.78
N GLU A 156 -4.49 23.60 3.06
CA GLU A 156 -5.03 24.35 1.93
C GLU A 156 -4.15 24.15 0.71
N MET A 157 -4.73 23.73 -0.41
CA MET A 157 -3.97 23.45 -1.62
C MET A 157 -3.60 24.73 -2.35
N THR A 158 -2.44 24.71 -3.02
CA THR A 158 -2.00 25.84 -3.83
C THR A 158 -2.76 25.89 -5.17
N ASP A 159 -2.58 26.99 -5.91
CA ASP A 159 -3.21 27.18 -7.21
C ASP A 159 -2.30 26.60 -8.31
N PHE A 160 -2.48 25.30 -8.58
CA PHE A 160 -1.62 24.55 -9.51
C PHE A 160 -1.59 25.15 -10.92
N GLU A 161 -2.70 25.74 -11.36
CA GLU A 161 -2.81 26.30 -12.71
C GLU A 161 -1.92 27.53 -12.86
N THR A 162 -1.97 28.39 -11.85
CA THR A 162 -1.17 29.61 -11.83
C THR A 162 0.32 29.30 -11.66
N LEU A 163 0.64 28.38 -10.76
CA LEU A 163 2.05 28.00 -10.55
C LEU A 163 2.67 27.35 -11.78
N LYS A 164 1.89 26.54 -12.52
CA LYS A 164 2.32 26.02 -13.82
C LYS A 164 2.67 27.16 -14.77
N GLU A 165 1.75 28.12 -14.90
CA GLU A 165 1.92 29.30 -15.76
C GLU A 165 3.22 30.06 -15.48
N LEU A 166 3.55 30.21 -14.19
CA LEU A 166 4.75 30.97 -13.77
C LEU A 166 6.05 30.13 -13.76
N GLY A 167 5.98 28.89 -14.23
CA GLY A 167 7.18 28.07 -14.47
C GLY A 167 7.51 27.03 -13.41
N ALA A 168 6.50 26.44 -12.77
CA ALA A 168 6.70 25.38 -11.79
C ALA A 168 7.11 24.09 -12.49
N PHE A 169 8.11 23.42 -11.93
CA PHE A 169 8.62 22.16 -12.48
C PHE A 169 7.64 21.00 -12.21
N ALA A 170 7.29 20.86 -10.94
CA ALA A 170 6.36 19.85 -10.47
C ALA A 170 5.83 20.30 -9.11
N PHE A 171 5.01 19.47 -8.47
CA PHE A 171 4.42 19.83 -7.17
C PHE A 171 4.87 18.92 -6.04
N THR A 172 5.30 19.51 -4.93
CA THR A 172 5.77 18.74 -3.77
C THR A 172 5.73 19.54 -2.47
N ASP A 173 5.54 18.83 -1.36
CA ASP A 173 5.70 19.39 -0.02
C ASP A 173 7.01 18.88 0.60
N ASP A 174 8.06 18.76 -0.21
CA ASP A 174 9.29 18.11 0.23
C ASP A 174 9.85 18.76 1.48
N GLY A 175 10.29 17.91 2.40
CA GLY A 175 10.53 18.28 3.78
C GLY A 175 9.53 17.50 4.63
N VAL A 176 8.26 17.59 4.26
CA VAL A 176 7.18 16.96 5.03
C VAL A 176 6.31 16.07 4.14
N GLY A 177 5.57 15.16 4.77
CA GLY A 177 4.62 14.30 4.06
C GLY A 177 3.24 14.92 4.01
N VAL A 178 2.49 14.63 2.95
CA VAL A 178 1.09 15.02 2.86
C VAL A 178 0.27 14.03 3.69
N GLN A 179 -0.07 14.41 4.92
CA GLN A 179 -0.68 13.49 5.88
C GLN A 179 -2.14 13.16 5.55
N ASP A 180 -2.89 14.14 5.04
CA ASP A 180 -4.28 13.95 4.64
C ASP A 180 -4.36 13.24 3.30
N ALA A 181 -4.99 12.06 3.27
CA ALA A 181 -5.08 11.25 2.07
C ALA A 181 -5.99 11.88 1.00
N SER A 182 -7.08 12.50 1.43
CA SER A 182 -8.00 13.18 0.52
C SER A 182 -7.34 14.37 -0.18
N MET A 183 -6.43 15.04 0.52
CA MET A 183 -5.67 16.17 -0.03
C MET A 183 -4.76 15.73 -1.16
N MET A 184 -4.01 14.64 -0.93
CA MET A 184 -3.11 14.09 -1.94
C MET A 184 -3.89 13.61 -3.17
N LEU A 185 -5.04 12.97 -2.96
CA LEU A 185 -5.88 12.52 -4.08
C LEU A 185 -6.34 13.73 -4.90
N ALA A 186 -6.92 14.71 -4.21
CA ALA A 186 -7.34 15.95 -4.85
C ALA A 186 -6.19 16.59 -5.62
N ALA A 187 -5.02 16.65 -5.00
CA ALA A 187 -3.84 17.21 -5.64
C ALA A 187 -3.47 16.44 -6.91
N MET A 188 -3.54 15.12 -6.84
CA MET A 188 -3.20 14.27 -8.00
C MET A 188 -4.20 14.41 -9.15
N LYS A 189 -5.49 14.52 -8.84
CA LYS A 189 -6.50 14.80 -9.86
C LYS A 189 -6.23 16.11 -10.56
N ARG A 190 -5.88 17.12 -9.77
CA ARG A 190 -5.58 18.45 -10.28
C ARG A 190 -4.34 18.46 -11.15
N ALA A 191 -3.29 17.79 -10.67
CA ALA A 191 -2.01 17.72 -11.39
C ALA A 191 -2.12 16.88 -12.65
N ALA A 192 -2.96 15.86 -12.61
CA ALA A 192 -3.19 15.00 -13.77
C ALA A 192 -3.83 15.76 -14.93
N LYS A 193 -4.81 16.60 -14.62
CA LYS A 193 -5.48 17.44 -15.61
C LYS A 193 -4.49 18.38 -16.33
N LEU A 194 -3.45 18.84 -15.63
CA LEU A 194 -2.45 19.74 -16.22
C LEU A 194 -1.20 19.03 -16.78
N ASN A 195 -1.24 17.71 -16.87
CA ASN A 195 -0.07 16.91 -17.25
C ASN A 195 1.19 17.25 -16.46
N MET A 196 1.10 17.16 -15.13
CA MET A 196 2.25 17.43 -14.28
C MET A 196 2.37 16.43 -13.13
N ALA A 197 3.58 16.33 -12.60
CA ALA A 197 3.92 15.28 -11.65
C ALA A 197 3.64 15.73 -10.23
N VAL A 198 3.10 14.82 -9.43
CA VAL A 198 3.10 14.99 -7.98
C VAL A 198 4.33 14.23 -7.47
N VAL A 199 5.26 14.98 -6.90
CA VAL A 199 6.51 14.42 -6.37
C VAL A 199 6.39 14.41 -4.85
N ALA A 200 6.73 13.28 -4.24
CA ALA A 200 6.41 13.05 -2.82
C ALA A 200 7.56 12.60 -1.92
N HIS A 201 7.77 13.37 -0.84
CA HIS A 201 8.51 12.95 0.33
C HIS A 201 7.58 12.08 1.18
N CYS A 202 7.83 10.78 1.18
CA CYS A 202 6.94 9.83 1.84
C CYS A 202 7.34 9.61 3.30
N GLU A 203 6.55 10.18 4.21
CA GLU A 203 6.78 10.09 5.65
C GLU A 203 5.45 10.13 6.40
N GLU A 204 5.06 8.98 6.98
CA GLU A 204 3.87 8.88 7.83
C GLU A 204 4.23 9.31 9.26
N ASN A 205 3.69 10.44 9.69
CA ASN A 205 4.14 11.13 10.92
C ASN A 205 3.95 10.38 12.24
N THR A 206 2.94 9.52 12.34
CA THR A 206 2.74 8.73 13.56
C THR A 206 3.83 7.64 13.72
N LEU A 207 4.48 7.26 12.63
CA LEU A 207 5.53 6.23 12.66
C LEU A 207 6.97 6.77 12.80
N ILE A 208 7.15 8.09 12.93
CA ILE A 208 8.50 8.67 13.04
C ILE A 208 9.22 8.24 14.32
N ASN A 209 8.47 8.16 15.42
CA ASN A 209 9.01 7.66 16.70
C ASN A 209 10.15 8.52 17.25
N LYS A 210 10.11 9.82 16.96
CA LYS A 210 11.14 10.77 17.39
C LYS A 210 12.56 10.31 17.00
N GLY A 211 12.68 9.69 15.83
CA GLY A 211 13.92 9.06 15.41
C GLY A 211 14.90 10.00 14.72
N CYS A 212 16.20 9.77 14.97
CA CYS A 212 17.29 10.50 14.30
C CYS A 212 18.06 9.63 13.29
N VAL A 213 17.91 8.31 13.40
CA VAL A 213 18.55 7.35 12.50
C VAL A 213 17.56 6.21 12.18
N HIS A 214 18.02 5.21 11.43
CA HIS A 214 17.23 4.01 11.14
C HIS A 214 16.93 3.22 12.42
N GLU A 215 15.77 2.59 12.50
CA GLU A 215 15.48 1.65 13.58
C GLU A 215 16.06 0.29 13.22
N GLY A 216 17.21 -0.03 13.82
CA GLY A 216 17.88 -1.29 13.53
C GLY A 216 19.02 -1.55 14.49
N LYS A 217 20.15 -2.00 13.95
CA LYS A 217 21.30 -2.39 14.77
C LYS A 217 22.05 -1.19 15.35
N PHE A 218 22.14 -0.10 14.58
CA PHE A 218 22.84 1.09 15.03
C PHE A 218 22.09 1.81 16.14
N SER A 219 20.79 1.99 15.97
CA SER A 219 19.96 2.61 17.00
C SER A 219 19.95 1.76 18.28
N GLU A 220 19.88 0.45 18.12
CA GLU A 220 19.93 -0.50 19.24
C GLU A 220 21.25 -0.39 20.02
N LYS A 221 22.36 -0.24 19.30
CA LYS A 221 23.68 -0.18 19.93
C LYS A 221 23.91 1.10 20.74
N HIS A 222 23.62 2.25 20.13
CA HIS A 222 23.91 3.56 20.75
C HIS A 222 22.79 4.15 21.60
N GLY A 223 21.74 3.37 21.85
CA GLY A 223 20.63 3.82 22.70
C GLY A 223 19.84 4.97 22.12
N LEU A 224 19.61 4.95 20.81
CA LEU A 224 18.97 6.04 20.08
C LEU A 224 17.57 5.65 19.59
N ASN A 225 16.68 6.65 19.49
CA ASN A 225 15.38 6.46 18.86
C ASN A 225 15.53 6.33 17.35
N GLY A 226 14.85 5.36 16.76
CA GLY A 226 14.99 5.05 15.33
C GLY A 226 13.71 5.16 14.52
N ILE A 227 13.85 5.58 13.26
CA ILE A 227 12.74 5.67 12.32
C ILE A 227 12.62 4.34 11.57
N PRO A 228 11.51 3.62 11.75
CA PRO A 228 11.39 2.31 11.11
C PRO A 228 11.16 2.46 9.61
N SER A 229 11.31 1.36 8.88
CA SER A 229 11.12 1.37 7.42
C SER A 229 9.68 1.70 7.01
N VAL A 230 8.72 1.17 7.75
CA VAL A 230 7.30 1.34 7.41
C VAL A 230 6.84 2.80 7.37
N CYS A 231 7.49 3.66 8.15
CA CYS A 231 7.27 5.11 8.10
C CYS A 231 7.32 5.63 6.65
N GLU A 232 8.28 5.13 5.88
CA GLU A 232 8.42 5.50 4.47
C GLU A 232 7.44 4.73 3.58
N SER A 233 7.43 3.41 3.72
CA SER A 233 6.78 2.54 2.73
C SER A 233 5.25 2.61 2.72
N VAL A 234 4.64 2.94 3.86
CA VAL A 234 3.16 2.98 3.93
C VAL A 234 2.57 4.13 3.09
N HIS A 235 3.30 5.23 2.98
CA HIS A 235 2.89 6.37 2.16
C HIS A 235 3.01 6.08 0.66
N ILE A 236 4.12 5.47 0.25
CA ILE A 236 4.30 5.08 -1.15
C ILE A 236 3.13 4.19 -1.57
N ALA A 237 2.91 3.12 -0.82
CA ALA A 237 1.78 2.19 -1.08
C ALA A 237 0.44 2.89 -1.19
N ARG A 238 0.17 3.86 -0.31
CA ARG A 238 -1.05 4.65 -0.36
C ARG A 238 -1.08 5.50 -1.64
N ASP A 239 -0.03 6.28 -1.84
CA ASP A 239 0.06 7.21 -2.96
C ASP A 239 -0.06 6.52 -4.33
N ILE A 240 0.51 5.33 -4.46
CA ILE A 240 0.41 4.55 -5.70
C ILE A 240 -1.04 4.32 -6.10
N LEU A 241 -1.87 3.87 -5.15
CA LEU A 241 -3.29 3.64 -5.40
C LEU A 241 -4.05 4.95 -5.71
N LEU A 242 -3.74 6.02 -4.98
CA LEU A 242 -4.35 7.33 -5.26
C LEU A 242 -3.96 7.80 -6.67
N ALA A 243 -2.73 7.51 -7.08
CA ALA A 243 -2.24 7.90 -8.40
C ALA A 243 -2.87 7.08 -9.52
N GLU A 244 -3.22 5.84 -9.25
CA GLU A 244 -3.95 5.02 -10.22
C GLU A 244 -5.36 5.58 -10.42
N ALA A 245 -6.02 5.89 -9.31
CA ALA A 245 -7.38 6.44 -9.33
C ALA A 245 -7.47 7.79 -10.05
N ALA A 246 -6.47 8.65 -9.85
CA ALA A 246 -6.42 9.98 -10.46
C ALA A 246 -5.75 10.02 -11.84
N ASP A 247 -5.24 8.90 -12.33
CA ASP A 247 -4.56 8.83 -13.62
C ASP A 247 -3.39 9.83 -13.69
N CYS A 248 -2.63 9.93 -12.61
CA CYS A 248 -1.61 10.97 -12.45
C CYS A 248 -0.21 10.40 -12.44
N HIS A 249 0.75 11.16 -12.97
CA HIS A 249 2.17 10.82 -12.83
C HIS A 249 2.62 11.13 -11.41
N TYR A 250 3.07 10.09 -10.71
CA TYR A 250 3.47 10.20 -9.32
C TYR A 250 4.94 9.79 -9.21
N HIS A 251 5.75 10.61 -8.54
CA HIS A 251 7.19 10.36 -8.42
C HIS A 251 7.65 10.26 -6.96
N VAL A 252 8.39 9.20 -6.65
CA VAL A 252 8.84 8.93 -5.28
C VAL A 252 10.22 9.52 -5.04
N CYS A 253 10.32 10.36 -4.01
CA CYS A 253 11.60 10.93 -3.61
C CYS A 253 12.45 9.89 -2.90
N HIS A 254 13.77 10.03 -3.04
CA HIS A 254 14.79 9.19 -2.39
C HIS A 254 14.27 7.93 -1.72
N VAL A 255 14.07 6.89 -2.51
CA VAL A 255 13.65 5.58 -2.00
C VAL A 255 14.76 5.00 -1.12
N SER A 256 14.39 4.33 -0.03
CA SER A 256 15.39 3.81 0.93
C SER A 256 15.07 2.46 1.61
N THR A 257 13.90 1.85 1.36
CA THR A 257 13.56 0.55 1.99
C THR A 257 13.31 -0.58 0.99
N LYS A 258 13.46 -1.80 1.49
CA LYS A 258 13.22 -3.04 0.75
C LYS A 258 11.77 -3.11 0.27
N GLY A 259 10.84 -2.85 1.19
CA GLY A 259 9.40 -2.89 0.91
C GLY A 259 8.93 -1.77 0.00
N SER A 260 9.61 -0.62 0.06
CA SER A 260 9.31 0.50 -0.81
C SER A 260 9.61 0.15 -2.27
N VAL A 261 10.73 -0.52 -2.51
CA VAL A 261 11.07 -0.99 -3.85
C VAL A 261 10.05 -2.03 -4.30
N ARG A 262 9.71 -2.98 -3.42
CA ARG A 262 8.73 -4.01 -3.77
C ARG A 262 7.40 -3.42 -4.24
N VAL A 263 6.84 -2.48 -3.47
CA VAL A 263 5.54 -1.88 -3.84
C VAL A 263 5.58 -1.13 -5.16
N ILE A 264 6.70 -0.46 -5.45
CA ILE A 264 6.91 0.24 -6.72
C ILE A 264 7.04 -0.74 -7.90
N ARG A 265 7.76 -1.85 -7.69
CA ARG A 265 7.84 -2.92 -8.69
C ARG A 265 6.46 -3.47 -9.03
N ASP A 266 5.65 -3.70 -8.00
CA ASP A 266 4.27 -4.21 -8.16
C ASP A 266 3.40 -3.24 -8.96
N ALA A 267 3.58 -1.94 -8.70
CA ALA A 267 2.83 -0.90 -9.39
C ALA A 267 3.18 -0.83 -10.89
N LYS A 268 4.48 -0.92 -11.20
CA LYS A 268 4.93 -0.84 -12.60
C LYS A 268 4.44 -2.00 -13.46
N ARG A 269 4.39 -3.21 -12.90
CA ARG A 269 3.81 -4.35 -13.60
C ARG A 269 2.31 -4.13 -13.85
N ALA A 270 1.63 -3.47 -12.93
CA ALA A 270 0.20 -3.17 -13.08
C ALA A 270 -0.11 -2.09 -14.13
N GLY A 271 0.92 -1.35 -14.56
CA GLY A 271 0.77 -0.32 -15.59
C GLY A 271 0.56 1.09 -15.06
N ILE A 272 0.89 1.30 -13.79
CA ILE A 272 0.66 2.59 -13.12
C ILE A 272 1.85 3.52 -13.38
N LYS A 273 1.57 4.82 -13.56
CA LYS A 273 2.62 5.80 -13.91
C LYS A 273 3.32 6.28 -12.67
N VAL A 274 4.14 5.42 -12.10
CA VAL A 274 4.92 5.76 -10.92
C VAL A 274 6.39 5.68 -11.30
N THR A 275 7.16 6.66 -10.86
CA THR A 275 8.59 6.67 -11.05
C THR A 275 9.28 6.92 -9.71
N ALA A 276 10.59 6.72 -9.67
CA ALA A 276 11.35 6.88 -8.41
C ALA A 276 12.80 7.21 -8.65
N GLU A 277 13.41 7.78 -7.61
CA GLU A 277 14.82 8.16 -7.62
C GLU A 277 15.52 7.54 -6.41
N VAL A 278 16.85 7.57 -6.43
CA VAL A 278 17.66 7.16 -5.29
C VAL A 278 18.84 8.10 -5.17
N THR A 279 19.32 8.32 -3.95
CA THR A 279 20.46 9.21 -3.73
C THR A 279 21.77 8.48 -3.95
N PRO A 280 22.86 9.24 -4.18
CA PRO A 280 24.19 8.63 -4.21
C PRO A 280 24.60 8.03 -2.86
N HIS A 281 24.23 8.69 -1.76
CA HIS A 281 24.60 8.20 -0.42
C HIS A 281 23.85 6.93 -0.01
N HIS A 282 22.58 6.80 -0.39
CA HIS A 282 21.83 5.56 -0.14
C HIS A 282 22.26 4.39 -1.05
N LEU A 283 22.89 4.70 -2.18
CA LEU A 283 23.45 3.66 -3.06
C LEU A 283 24.82 3.16 -2.57
N VAL A 284 25.53 4.00 -1.82
CA VAL A 284 26.89 3.71 -1.37
C VAL A 284 26.99 3.32 0.11
N LEU A 285 26.07 3.82 0.95
CA LEU A 285 26.13 3.58 2.41
C LEU A 285 24.91 2.85 2.98
N CYS A 286 25.08 2.25 4.16
CA CYS A 286 23.99 1.67 4.96
C CYS A 286 24.34 1.81 6.45
N GLU A 287 23.49 1.28 7.34
CA GLU A 287 23.70 1.45 8.80
C GLU A 287 25.02 0.88 9.33
N ASP A 288 25.48 -0.21 8.72
CA ASP A 288 26.72 -0.88 9.14
C ASP A 288 27.97 -0.04 8.89
N ASP A 289 27.87 0.94 8.00
CA ASP A 289 28.98 1.83 7.67
C ASP A 289 29.05 3.10 8.52
N ILE A 290 28.10 3.31 9.43
CA ILE A 290 28.13 4.48 10.32
C ILE A 290 29.10 4.19 11.48
N PRO A 291 30.24 4.91 11.53
CA PRO A 291 31.29 4.58 12.50
C PRO A 291 30.95 5.00 13.93
N SER A 292 30.16 6.06 14.09
CA SER A 292 29.77 6.55 15.42
C SER A 292 28.58 7.50 15.27
N ALA A 293 28.15 8.13 16.35
CA ALA A 293 27.04 9.09 16.32
C ALA A 293 27.47 10.40 15.67
N ASP A 294 27.79 10.32 14.37
CA ASP A 294 28.32 11.45 13.61
C ASP A 294 27.19 12.07 12.79
N PRO A 295 26.86 13.35 13.06
CA PRO A 295 25.77 14.06 12.35
C PRO A 295 25.90 14.15 10.82
N ASN A 296 27.11 14.00 10.28
CA ASN A 296 27.29 13.92 8.82
C ASN A 296 26.75 12.62 8.20
N PHE A 297 26.31 11.68 9.04
CA PHE A 297 25.65 10.46 8.60
C PHE A 297 24.14 10.52 8.86
N LYS A 298 23.68 11.68 9.35
CA LYS A 298 22.26 11.92 9.62
C LYS A 298 21.57 12.60 8.44
N MET A 299 20.74 11.85 7.71
CA MET A 299 19.83 12.42 6.72
C MET A 299 18.44 11.77 6.79
N ASN A 300 17.50 12.34 6.03
CA ASN A 300 16.14 11.80 5.93
C ASN A 300 15.80 11.55 4.45
N PRO A 301 15.49 10.29 4.09
CA PRO A 301 15.46 9.10 4.95
C PRO A 301 16.85 8.66 5.38
N PRO A 302 16.92 7.90 6.48
CA PRO A 302 18.19 7.48 7.04
C PRO A 302 18.86 6.34 6.28
N LEU A 303 20.08 6.00 6.69
CA LEU A 303 20.84 4.89 6.09
C LEU A 303 20.40 3.59 6.76
N ARG A 304 19.64 2.78 6.01
CA ARG A 304 18.94 1.63 6.59
C ARG A 304 19.78 0.32 6.55
N GLY A 305 19.12 -0.83 6.68
CA GLY A 305 19.79 -2.11 6.81
C GLY A 305 20.54 -2.56 5.57
N LYS A 306 21.40 -3.56 5.77
CA LYS A 306 22.16 -4.19 4.69
C LYS A 306 21.25 -4.65 3.55
N GLU A 307 20.11 -5.26 3.89
CA GLU A 307 19.20 -5.82 2.89
C GLU A 307 18.36 -4.74 2.18
N ASP A 308 18.13 -3.60 2.84
CA ASP A 308 17.50 -2.46 2.19
C ASP A 308 18.42 -1.91 1.10
N HIS A 309 19.69 -1.73 1.45
CA HIS A 309 20.71 -1.25 0.53
C HIS A 309 20.86 -2.17 -0.70
N GLU A 310 20.82 -3.48 -0.48
CA GLU A 310 20.85 -4.44 -1.60
C GLU A 310 19.65 -4.27 -2.55
N ALA A 311 18.46 -4.08 -1.99
CA ALA A 311 17.22 -3.91 -2.78
C ALA A 311 17.19 -2.62 -3.60
N LEU A 312 17.89 -1.59 -3.15
CA LEU A 312 18.04 -0.36 -3.93
C LEU A 312 18.95 -0.59 -5.14
N ILE A 313 20.02 -1.34 -4.95
CA ILE A 313 20.93 -1.71 -6.06
C ILE A 313 20.16 -2.59 -7.04
N GLU A 314 19.46 -3.58 -6.50
CA GLU A 314 18.59 -4.48 -7.28
C GLU A 314 17.55 -3.70 -8.09
N GLY A 315 16.95 -2.68 -7.46
CA GLY A 315 15.92 -1.87 -8.10
C GLY A 315 16.47 -0.97 -9.21
N LEU A 316 17.64 -0.39 -8.98
CA LEU A 316 18.30 0.44 -9.98
C LEU A 316 18.61 -0.39 -11.23
N LEU A 317 19.05 -1.64 -11.03
CA LEU A 317 19.34 -2.55 -12.14
C LEU A 317 18.12 -3.04 -12.94
N ASP A 318 17.02 -3.38 -12.27
CA ASP A 318 15.84 -3.93 -12.97
C ASP A 318 14.86 -2.87 -13.55
N GLY A 319 15.17 -1.59 -13.36
CA GLY A 319 14.35 -0.50 -13.90
C GLY A 319 13.26 0.01 -12.98
N THR A 320 13.23 -0.47 -11.74
CA THR A 320 12.24 -0.05 -10.76
C THR A 320 12.54 1.37 -10.26
N ILE A 321 13.82 1.66 -10.03
CA ILE A 321 14.29 3.00 -9.72
C ILE A 321 14.79 3.62 -11.02
N ASP A 322 14.20 4.73 -11.42
CA ASP A 322 14.47 5.32 -12.74
C ASP A 322 15.71 6.21 -12.82
N MET A 323 16.16 6.77 -11.69
CA MET A 323 17.17 7.83 -11.74
C MET A 323 17.92 8.03 -10.43
N ILE A 324 18.99 8.81 -10.52
CA ILE A 324 19.74 9.24 -9.35
C ILE A 324 19.57 10.75 -9.17
N ALA A 325 19.32 11.15 -7.92
CA ALA A 325 19.19 12.56 -7.55
C ALA A 325 19.86 12.78 -6.19
N THR A 326 20.62 13.86 -6.06
CA THR A 326 21.51 14.05 -4.91
C THR A 326 20.79 14.31 -3.59
N ASP A 327 19.70 15.09 -3.67
CA ASP A 327 19.08 15.67 -2.48
C ASP A 327 20.10 16.50 -1.71
N HIS A 328 20.84 17.32 -2.47
CA HIS A 328 21.84 18.25 -1.92
C HIS A 328 21.15 19.08 -0.84
N ALA A 329 21.60 18.87 0.41
CA ALA A 329 20.98 19.45 1.60
C ALA A 329 22.05 20.05 2.51
N PRO A 330 22.51 21.27 2.19
CA PRO A 330 23.60 21.90 2.93
C PRO A 330 23.18 22.51 4.27
N HIS A 331 24.06 22.40 5.25
CA HIS A 331 23.90 23.02 6.57
C HIS A 331 25.26 23.48 7.07
N THR A 332 25.28 24.34 8.08
CA THR A 332 26.53 24.90 8.59
C THR A 332 27.22 23.91 9.50
N ALA A 333 28.54 24.05 9.63
CA ALA A 333 29.33 23.19 10.51
C ALA A 333 28.84 23.30 11.96
N GLU A 334 28.46 24.50 12.37
CA GLU A 334 27.98 24.76 13.74
C GLU A 334 26.61 24.11 14.02
N GLU A 335 25.74 24.08 13.02
CA GLU A 335 24.45 23.39 13.14
C GLU A 335 24.65 21.87 13.30
N LYS A 336 25.57 21.30 12.53
CA LYS A 336 25.87 19.86 12.60
C LYS A 336 26.65 19.45 13.86
N ALA A 337 27.38 20.38 14.46
CA ALA A 337 28.13 20.09 15.70
C ALA A 337 27.25 19.88 16.95
N GLN A 338 25.94 20.17 16.84
CA GLN A 338 25.02 20.09 17.98
C GLN A 338 24.80 18.70 18.59
N GLY A 339 25.16 17.65 17.86
CA GLY A 339 24.85 16.29 18.30
C GLY A 339 23.79 15.66 17.43
N ILE A 340 23.75 14.33 17.44
CA ILE A 340 22.96 13.56 16.47
C ILE A 340 21.44 13.67 16.68
N GLU A 341 21.00 13.93 17.91
CA GLU A 341 19.57 14.09 18.20
C GLU A 341 19.04 15.46 17.75
N ARG A 342 19.82 16.52 17.96
CA ARG A 342 19.36 17.89 17.65
C ARG A 342 19.80 18.44 16.28
N ALA A 343 20.83 17.86 15.67
CA ALA A 343 21.36 18.37 14.40
C ALA A 343 20.38 18.09 13.24
N PRO A 344 20.38 18.96 12.21
CA PRO A 344 19.39 18.80 11.15
C PRO A 344 19.74 17.67 10.18
N PHE A 345 18.72 17.13 9.53
CA PHE A 345 18.91 16.08 8.55
C PHE A 345 19.51 16.68 7.28
N GLY A 346 20.43 15.95 6.65
CA GLY A 346 20.89 16.29 5.29
C GLY A 346 22.40 16.43 5.13
N ILE A 347 22.90 16.02 3.97
CA ILE A 347 24.29 16.21 3.58
C ILE A 347 24.40 16.91 2.23
N THR A 348 25.51 17.61 2.01
CA THR A 348 25.83 18.20 0.71
C THR A 348 26.09 17.06 -0.28
N GLY A 349 25.71 17.28 -1.55
CA GLY A 349 25.80 16.22 -2.57
C GLY A 349 26.32 16.57 -3.96
N PHE A 350 26.18 17.81 -4.40
CA PHE A 350 26.60 18.24 -5.75
C PHE A 350 28.02 17.83 -6.09
N GLU A 351 28.96 18.21 -5.24
CA GLU A 351 30.38 18.15 -5.57
C GLU A 351 31.01 16.76 -5.42
N THR A 352 30.28 15.81 -4.82
CA THR A 352 30.77 14.44 -4.65
C THR A 352 30.01 13.39 -5.47
N ALA A 353 28.97 13.80 -6.20
CA ALA A 353 28.05 12.86 -6.86
C ALA A 353 28.71 11.93 -7.88
N PHE A 354 29.20 12.50 -9.00
CA PHE A 354 29.76 11.68 -10.06
C PHE A 354 31.04 10.93 -9.64
N PRO A 355 31.94 11.59 -8.88
CA PRO A 355 33.11 10.89 -8.36
C PRO A 355 32.78 9.64 -7.53
N LEU A 356 31.82 9.76 -6.62
CA LEU A 356 31.39 8.62 -5.80
C LEU A 356 30.78 7.49 -6.62
N LEU A 357 29.88 7.84 -7.52
CA LEU A 357 29.12 6.85 -8.27
C LEU A 357 30.03 6.09 -9.24
N TYR A 358 30.92 6.83 -9.92
CA TYR A 358 31.87 6.21 -10.83
C TYR A 358 32.83 5.26 -10.10
N THR A 359 33.40 5.72 -8.99
CA THR A 359 34.39 4.92 -8.26
C THR A 359 33.76 3.72 -7.54
N ASN A 360 32.59 3.91 -6.95
CA ASN A 360 31.95 2.87 -6.13
C ASN A 360 30.93 1.99 -6.86
N LEU A 361 30.43 2.43 -8.02
CA LEU A 361 29.53 1.57 -8.83
C LEU A 361 30.16 1.10 -10.15
N VAL A 362 30.76 2.02 -10.90
CA VAL A 362 31.27 1.69 -12.25
C VAL A 362 32.59 0.91 -12.21
N LYS A 363 33.54 1.36 -11.39
CA LYS A 363 34.82 0.66 -11.22
C LYS A 363 34.63 -0.77 -10.74
N LYS A 364 33.67 -0.96 -9.83
CA LYS A 364 33.33 -2.28 -9.29
C LYS A 364 32.37 -3.08 -10.17
N GLY A 365 31.96 -2.52 -11.31
CA GLY A 365 31.16 -3.26 -12.29
C GLY A 365 29.70 -3.53 -11.92
N ILE A 366 29.18 -2.77 -10.95
CA ILE A 366 27.79 -2.89 -10.55
C ILE A 366 26.87 -2.30 -11.64
N ILE A 367 27.30 -1.19 -12.25
CA ILE A 367 26.65 -0.66 -13.45
C ILE A 367 27.70 -0.24 -14.49
N THR A 368 27.28 -0.11 -15.74
CA THR A 368 28.18 0.36 -16.79
C THR A 368 28.30 1.89 -16.74
N LEU A 369 29.25 2.43 -17.49
CA LEU A 369 29.39 3.87 -17.64
C LEU A 369 28.22 4.47 -18.42
N GLU A 370 27.68 3.71 -19.39
CA GLU A 370 26.47 4.13 -20.11
C GLU A 370 25.33 4.41 -19.13
N GLN A 371 25.15 3.50 -18.18
CA GLN A 371 24.05 3.59 -17.23
C GLN A 371 24.18 4.79 -16.30
N LEU A 372 25.34 4.93 -15.64
CA LEU A 372 25.58 6.04 -14.71
C LEU A 372 25.32 7.39 -15.36
N ILE A 373 25.75 7.54 -16.62
CA ILE A 373 25.50 8.77 -17.38
C ILE A 373 24.00 8.96 -17.55
N GLN A 374 23.33 7.92 -18.05
CA GLN A 374 21.88 8.00 -18.33
C GLN A 374 21.05 8.28 -17.07
N PHE A 375 21.47 7.73 -15.93
CA PHE A 375 20.77 7.93 -14.65
C PHE A 375 20.83 9.39 -14.17
N LEU A 376 21.85 10.11 -14.61
CA LEU A 376 22.04 11.52 -14.26
C LEU A 376 21.75 12.50 -15.41
N THR A 377 21.26 12.00 -16.54
CA THR A 377 21.02 12.85 -17.72
C THR A 377 19.69 12.57 -18.44
N GLU A 378 19.66 11.54 -19.28
CA GLU A 378 18.52 11.31 -20.18
C GLU A 378 17.33 10.63 -19.47
N LYS A 379 17.59 9.92 -18.37
CA LYS A 379 16.50 9.32 -17.58
C LYS A 379 15.62 10.35 -16.89
N PRO A 380 16.21 11.25 -16.06
CA PRO A 380 15.36 12.28 -15.43
C PRO A 380 14.70 13.22 -16.44
N ALA A 381 15.42 13.54 -17.51
CA ALA A 381 14.89 14.43 -18.54
C ALA A 381 13.67 13.83 -19.25
N ASP A 382 13.75 12.55 -19.62
CA ASP A 382 12.64 11.86 -20.28
C ASP A 382 11.45 11.64 -19.36
N THR A 383 11.72 11.30 -18.11
CA THR A 383 10.67 11.08 -17.10
C THR A 383 9.82 12.33 -16.89
N PHE A 384 10.44 13.52 -16.95
CA PHE A 384 9.75 14.78 -16.66
C PHE A 384 9.49 15.68 -17.88
N GLY A 385 9.90 15.23 -19.07
CA GLY A 385 9.59 15.94 -20.31
C GLY A 385 10.44 17.17 -20.57
N LEU A 386 11.75 17.05 -20.36
CA LEU A 386 12.69 18.14 -20.58
C LEU A 386 13.60 17.82 -21.78
N GLU A 387 13.83 18.82 -22.62
CA GLU A 387 14.86 18.71 -23.66
C GLU A 387 16.19 19.03 -23.00
N ALA A 388 16.83 17.99 -22.48
CA ALA A 388 18.11 18.14 -21.79
C ALA A 388 18.74 16.76 -21.63
N GLY A 389 20.03 16.76 -21.33
CA GLY A 389 20.75 15.52 -21.03
C GLY A 389 21.13 14.65 -22.23
N ARG A 390 21.29 15.25 -23.40
CA ARG A 390 21.75 14.51 -24.57
C ARG A 390 22.70 15.35 -25.43
N LEU A 391 23.81 14.73 -25.84
CA LEU A 391 24.75 15.36 -26.76
C LEU A 391 24.28 15.11 -28.17
N LYS A 392 23.69 16.15 -28.78
CA LYS A 392 22.91 16.01 -30.01
C LYS A 392 22.95 17.32 -30.79
N GLU A 393 23.17 17.24 -32.10
CA GLU A 393 23.22 18.43 -32.95
C GLU A 393 21.91 19.22 -32.89
N GLY A 394 21.99 20.52 -32.63
CA GLY A 394 20.81 21.37 -32.53
C GLY A 394 20.43 21.73 -31.10
N ARG A 395 20.70 20.83 -30.16
CA ARG A 395 20.43 21.06 -28.73
C ARG A 395 21.34 22.12 -28.12
N THR A 396 20.84 22.80 -27.08
CA THR A 396 21.60 23.78 -26.31
C THR A 396 22.86 23.15 -25.71
N ALA A 397 23.96 23.90 -25.73
CA ALA A 397 25.26 23.37 -25.33
C ALA A 397 25.45 23.32 -23.81
N ASP A 398 24.76 22.38 -23.18
CA ASP A 398 24.92 22.10 -21.77
C ASP A 398 25.80 20.86 -21.67
N ILE A 399 27.10 21.08 -21.47
CA ILE A 399 28.13 20.04 -21.58
C ILE A 399 28.97 20.01 -20.29
N THR A 400 29.59 18.86 -20.01
CA THR A 400 30.61 18.78 -18.95
C THR A 400 31.73 17.78 -19.31
N ILE A 401 32.96 18.16 -18.97
CA ILE A 401 34.17 17.40 -19.29
C ILE A 401 34.63 16.69 -18.02
N ILE A 402 34.74 15.35 -18.08
CA ILE A 402 35.01 14.55 -16.90
C ILE A 402 36.30 13.75 -17.03
N ASP A 403 37.17 13.89 -16.02
CA ASP A 403 38.45 13.17 -15.97
C ASP A 403 38.27 11.82 -15.28
N LEU A 404 38.24 10.76 -16.07
CA LEU A 404 38.05 9.40 -15.56
C LEU A 404 39.34 8.75 -15.03
N GLU A 405 40.49 9.38 -15.30
CA GLU A 405 41.79 8.81 -14.98
C GLU A 405 42.32 9.26 -13.62
N GLN A 406 42.33 10.57 -13.39
CA GLN A 406 43.01 11.17 -12.23
C GLN A 406 42.31 10.85 -10.90
N GLU A 407 43.08 10.25 -9.98
CA GLU A 407 42.62 10.03 -8.61
C GLU A 407 42.75 11.32 -7.78
N GLU A 408 41.80 11.52 -6.88
CA GLU A 408 41.80 12.70 -6.03
C GLU A 408 40.88 12.49 -4.81
N GLU A 409 41.41 12.76 -3.62
CA GLU A 409 40.64 12.64 -2.38
C GLU A 409 39.55 13.71 -2.31
N ILE A 410 38.37 13.31 -1.82
CA ILE A 410 37.30 14.25 -1.53
C ILE A 410 37.72 15.10 -0.32
N ASP A 411 37.89 16.41 -0.55
CA ASP A 411 38.30 17.36 0.49
C ASP A 411 37.27 18.49 0.62
N PRO A 412 36.50 18.51 1.73
CA PRO A 412 35.47 19.55 1.89
C PRO A 412 35.99 21.00 1.96
N THR A 413 37.26 21.21 2.33
CA THR A 413 37.82 22.56 2.39
C THR A 413 37.87 23.23 1.01
N THR A 414 37.95 22.42 -0.05
CA THR A 414 37.93 22.95 -1.43
C THR A 414 36.52 23.09 -2.04
N PHE A 415 35.47 22.79 -1.28
CA PHE A 415 34.10 22.88 -1.78
C PHE A 415 33.67 24.34 -1.95
N LEU A 416 33.02 24.64 -3.08
CA LEU A 416 32.44 25.96 -3.33
C LEU A 416 31.06 26.11 -2.69
N SER A 417 30.39 24.99 -2.41
CA SER A 417 29.17 25.02 -1.63
C SER A 417 29.47 25.50 -0.22
N LYS A 418 28.54 26.26 0.36
CA LYS A 418 28.61 26.63 1.77
C LYS A 418 28.44 25.38 2.62
N GLY A 419 27.72 24.40 2.08
CA GLY A 419 27.54 23.11 2.74
C GLY A 419 28.76 22.20 2.67
N LYS A 420 29.54 22.17 3.75
CA LYS A 420 30.67 21.25 3.92
C LYS A 420 30.28 19.93 4.61
N ASN A 421 29.02 19.80 5.00
CA ASN A 421 28.51 18.58 5.66
C ASN A 421 28.45 17.32 4.78
N THR A 422 29.54 16.56 4.74
CA THR A 422 29.61 15.30 4.00
C THR A 422 30.28 14.19 4.84
N PRO A 423 29.88 12.92 4.62
CA PRO A 423 30.53 11.79 5.29
C PRO A 423 31.71 11.17 4.52
N PHE A 424 31.95 11.64 3.29
CA PHE A 424 32.94 11.03 2.40
C PHE A 424 34.28 11.77 2.35
N ALA A 425 34.65 12.49 3.41
CA ALA A 425 35.95 13.18 3.45
C ALA A 425 37.08 12.16 3.49
N GLY A 426 38.08 12.33 2.62
CA GLY A 426 39.22 11.43 2.55
C GLY A 426 39.03 10.25 1.62
N TRP A 427 37.86 10.14 1.00
CA TRP A 427 37.61 9.07 0.03
C TRP A 427 38.31 9.39 -1.29
N LYS A 428 39.19 8.47 -1.73
CA LYS A 428 39.90 8.63 -3.01
C LYS A 428 39.02 8.18 -4.16
N CYS A 429 38.75 9.09 -5.09
CA CYS A 429 37.84 8.82 -6.21
C CYS A 429 38.46 9.21 -7.55
N GLN A 430 37.96 8.58 -8.61
CA GLN A 430 38.18 9.03 -9.98
C GLN A 430 36.85 9.53 -10.54
N GLY A 431 36.91 10.20 -11.68
CA GLY A 431 35.70 10.70 -12.35
C GLY A 431 35.28 12.07 -11.84
N TRP A 432 36.21 13.01 -11.89
CA TRP A 432 35.97 14.40 -11.48
C TRP A 432 35.74 15.27 -12.70
N PRO A 433 34.63 16.03 -12.72
CA PRO A 433 34.47 17.10 -13.70
C PRO A 433 35.61 18.13 -13.63
N VAL A 434 36.08 18.57 -14.78
CA VAL A 434 37.12 19.61 -14.88
C VAL A 434 36.64 20.90 -15.55
N MET A 435 35.54 20.81 -16.31
CA MET A 435 34.94 21.96 -16.97
C MET A 435 33.46 21.68 -17.22
N THR A 436 32.63 22.71 -17.06
CA THR A 436 31.18 22.59 -17.24
C THR A 436 30.64 23.81 -17.99
N ILE A 437 30.02 23.57 -19.13
CA ILE A 437 29.52 24.62 -20.01
C ILE A 437 27.99 24.72 -19.90
N VAL A 438 27.49 25.96 -19.85
CA VAL A 438 26.06 26.22 -19.74
C VAL A 438 25.61 27.16 -20.85
N GLY A 439 25.01 26.59 -21.89
CA GLY A 439 24.51 27.34 -23.03
C GLY A 439 25.58 28.14 -23.76
N GLY A 440 26.74 27.52 -23.96
CA GLY A 440 27.87 28.17 -24.64
C GLY A 440 28.91 28.80 -23.73
N LYS A 441 28.48 29.30 -22.57
CA LYS A 441 29.38 29.95 -21.62
C LYS A 441 30.00 28.94 -20.65
N ILE A 442 31.28 29.14 -20.33
CA ILE A 442 31.97 28.34 -19.32
C ILE A 442 31.55 28.84 -17.95
N ALA A 443 30.81 28.01 -17.20
CA ALA A 443 30.37 28.35 -15.85
C ALA A 443 31.41 27.97 -14.77
N TRP A 444 32.27 27.00 -15.07
CA TRP A 444 33.31 26.56 -14.13
C TRP A 444 34.39 25.73 -14.80
N GLN A 445 35.64 26.00 -14.46
CA GLN A 445 36.74 25.09 -14.80
C GLN A 445 37.76 24.95 -13.66
N LYS A 446 38.47 23.82 -13.69
CA LYS A 446 39.39 23.45 -12.63
C LYS A 446 40.61 24.38 -12.59
N GLU A 447 40.63 25.30 -11.63
CA GLU A 447 41.69 26.32 -11.53
C GLU A 447 42.95 25.79 -10.82
N SER A 448 43.62 24.83 -11.45
CA SER A 448 44.82 24.22 -10.88
C SER A 448 45.55 23.37 -11.93
N MET B 24 -27.80 -40.33 23.22
CA MET B 24 -28.25 -41.24 22.11
C MET B 24 -27.32 -41.15 20.90
N ASN B 25 -27.58 -42.01 19.91
CA ASN B 25 -26.80 -42.04 18.68
C ASN B 25 -27.64 -41.70 17.45
N TYR B 26 -26.96 -41.55 16.32
CA TYR B 26 -27.60 -41.34 15.02
C TYR B 26 -26.85 -42.10 13.94
N LEU B 27 -27.56 -42.46 12.88
CA LEU B 27 -26.97 -43.09 11.70
C LEU B 27 -27.58 -42.46 10.45
N PHE B 28 -26.79 -41.62 9.77
CA PHE B 28 -27.21 -40.99 8.53
C PHE B 28 -26.93 -41.90 7.34
N LYS B 29 -27.97 -42.24 6.59
CA LYS B 29 -27.85 -43.23 5.51
C LYS B 29 -28.34 -42.71 4.17
N ASN B 30 -27.76 -43.28 3.09
CA ASN B 30 -28.10 -42.94 1.71
C ASN B 30 -27.95 -41.44 1.41
N GLY B 31 -26.79 -40.90 1.76
CA GLY B 31 -26.46 -39.49 1.53
C GLY B 31 -25.16 -39.32 0.78
N ARG B 32 -24.94 -38.11 0.25
CA ARG B 32 -23.73 -37.77 -0.49
C ARG B 32 -22.83 -36.88 0.37
N TYR B 33 -21.51 -36.97 0.17
CA TYR B 33 -20.55 -36.13 0.88
C TYR B 33 -19.23 -35.95 0.11
N MET B 34 -18.52 -34.87 0.42
CA MET B 34 -17.23 -34.55 -0.19
C MET B 34 -16.11 -35.32 0.54
N ASN B 35 -15.42 -36.20 -0.18
CA ASN B 35 -14.31 -36.97 0.42
C ASN B 35 -13.04 -36.11 0.57
N GLU B 36 -12.08 -36.62 1.32
CA GLU B 36 -10.86 -35.87 1.65
C GLU B 36 -9.94 -35.64 0.44
N GLU B 37 -10.15 -36.41 -0.63
CA GLU B 37 -9.41 -36.20 -1.88
C GLU B 37 -9.96 -34.96 -2.59
N GLY B 38 -11.27 -34.99 -2.85
CA GLY B 38 -11.93 -33.90 -3.57
C GLY B 38 -13.35 -34.23 -4.00
N LYS B 39 -13.52 -35.39 -4.63
CA LYS B 39 -14.82 -35.81 -5.19
C LYS B 39 -15.95 -35.88 -4.17
N ILE B 40 -17.18 -35.78 -4.67
CA ILE B 40 -18.38 -36.00 -3.89
C ILE B 40 -18.89 -37.40 -4.18
N VAL B 41 -18.96 -38.25 -3.14
CA VAL B 41 -19.42 -39.63 -3.28
C VAL B 41 -20.50 -39.95 -2.24
N ALA B 42 -21.19 -41.07 -2.43
CA ALA B 42 -22.26 -41.48 -1.53
C ALA B 42 -21.73 -42.38 -0.40
N THR B 43 -22.01 -41.99 0.84
CA THR B 43 -21.66 -42.79 2.03
C THR B 43 -22.69 -42.62 3.14
N ASP B 44 -22.56 -43.45 4.17
CA ASP B 44 -23.29 -43.29 5.42
C ASP B 44 -22.41 -42.57 6.45
N LEU B 45 -23.00 -42.22 7.60
CA LEU B 45 -22.24 -41.61 8.68
C LEU B 45 -22.82 -41.96 10.05
N LEU B 46 -21.96 -42.41 10.95
CA LEU B 46 -22.36 -42.82 12.30
C LEU B 46 -21.88 -41.80 13.34
N VAL B 47 -22.83 -41.32 14.16
CA VAL B 47 -22.54 -40.43 15.27
C VAL B 47 -22.65 -41.20 16.59
N GLN B 48 -21.74 -40.92 17.53
CA GLN B 48 -21.79 -41.53 18.87
C GLN B 48 -21.23 -40.57 19.93
N ASP B 49 -22.07 -40.24 20.92
CA ASP B 49 -21.68 -39.37 22.04
C ASP B 49 -21.12 -38.02 21.60
N GLY B 50 -21.85 -37.35 20.71
CA GLY B 50 -21.50 -36.03 20.20
C GLY B 50 -20.25 -35.96 19.34
N LYS B 51 -19.82 -37.10 18.80
CA LYS B 51 -18.62 -37.20 17.96
C LYS B 51 -18.86 -38.14 16.79
N ILE B 52 -18.12 -37.92 15.70
CA ILE B 52 -18.25 -38.75 14.50
C ILE B 52 -17.52 -40.07 14.69
N ALA B 53 -18.28 -41.16 14.81
CA ALA B 53 -17.72 -42.48 15.05
C ALA B 53 -17.14 -43.07 13.78
N LYS B 54 -17.96 -43.12 12.73
CA LYS B 54 -17.61 -43.80 11.48
C LYS B 54 -18.15 -43.06 10.25
N VAL B 55 -17.37 -43.06 9.17
CA VAL B 55 -17.76 -42.46 7.90
C VAL B 55 -17.38 -43.40 6.76
N ALA B 56 -18.35 -44.15 6.25
CA ALA B 56 -18.13 -45.10 5.16
C ALA B 56 -19.46 -45.56 4.56
N GLU B 57 -19.39 -46.22 3.40
CA GLU B 57 -20.58 -46.75 2.72
C GLU B 57 -21.00 -48.09 3.35
N ASN B 58 -22.30 -48.22 3.63
CA ASN B 58 -22.89 -49.41 4.28
C ASN B 58 -22.28 -49.71 5.65
N ILE B 59 -22.89 -49.16 6.71
CA ILE B 59 -22.47 -49.44 8.09
C ILE B 59 -23.68 -49.78 8.95
N THR B 60 -23.67 -50.99 9.53
CA THR B 60 -24.75 -51.47 10.37
C THR B 60 -24.59 -50.89 11.76
N ALA B 61 -25.71 -50.54 12.40
CA ALA B 61 -25.69 -50.03 13.76
C ALA B 61 -27.00 -50.28 14.49
N ASP B 62 -26.99 -51.28 15.36
CA ASP B 62 -28.10 -51.55 16.27
C ASP B 62 -28.06 -50.52 17.39
N ASN B 63 -29.14 -50.49 18.19
CA ASN B 63 -29.33 -49.46 19.24
C ASN B 63 -28.72 -48.09 18.89
N ALA B 64 -29.13 -47.60 17.72
CA ALA B 64 -28.68 -46.29 17.21
C ALA B 64 -29.63 -45.88 16.08
N GLU B 65 -30.38 -44.80 16.31
CA GLU B 65 -31.48 -44.44 15.42
C GLU B 65 -31.03 -44.13 13.99
N VAL B 66 -31.84 -44.55 13.03
CA VAL B 66 -31.56 -44.36 11.61
C VAL B 66 -32.26 -43.09 11.11
N ILE B 67 -31.57 -42.35 10.23
CA ILE B 67 -32.17 -41.22 9.51
C ILE B 67 -31.75 -41.29 8.04
N ASP B 68 -32.71 -41.62 7.18
CA ASP B 68 -32.50 -41.68 5.73
C ASP B 68 -32.58 -40.26 5.16
N VAL B 69 -31.66 -39.93 4.26
CA VAL B 69 -31.56 -38.56 3.72
C VAL B 69 -31.84 -38.41 2.21
N ASN B 70 -32.11 -39.53 1.52
CA ASN B 70 -32.57 -39.52 0.13
C ASN B 70 -31.63 -38.80 -0.85
N GLY B 71 -30.34 -39.06 -0.71
CA GLY B 71 -29.32 -38.49 -1.60
C GLY B 71 -28.94 -37.04 -1.33
N LYS B 72 -29.38 -36.50 -0.20
CA LYS B 72 -29.06 -35.13 0.18
C LYS B 72 -27.60 -35.03 0.61
N LEU B 73 -27.07 -33.81 0.58
CA LEU B 73 -25.66 -33.58 0.91
C LEU B 73 -25.44 -33.55 2.42
N ILE B 74 -24.62 -34.48 2.89
CA ILE B 74 -24.10 -34.44 4.27
C ILE B 74 -22.85 -33.55 4.28
N ALA B 75 -23.00 -32.33 4.76
CA ALA B 75 -21.93 -31.36 4.76
C ALA B 75 -21.44 -31.09 6.18
N PRO B 76 -20.13 -30.82 6.34
CA PRO B 76 -19.65 -30.35 7.64
C PRO B 76 -20.30 -29.02 8.01
N GLY B 77 -20.54 -28.82 9.29
CA GLY B 77 -21.21 -27.62 9.77
C GLY B 77 -20.45 -26.39 9.31
N LEU B 78 -21.18 -25.42 8.73
CA LEU B 78 -20.55 -24.27 8.08
C LEU B 78 -19.93 -23.29 9.07
N VAL B 79 -18.81 -22.69 8.69
CA VAL B 79 -18.04 -21.79 9.55
C VAL B 79 -18.04 -20.35 9.03
N ASP B 80 -18.72 -19.46 9.76
CA ASP B 80 -18.83 -18.06 9.35
C ASP B 80 -17.99 -17.16 10.26
N VAL B 81 -16.88 -16.65 9.73
CA VAL B 81 -15.94 -15.86 10.55
C VAL B 81 -16.30 -14.38 10.69
N HIS B 82 -17.44 -13.96 10.15
CA HIS B 82 -17.82 -12.55 10.18
C HIS B 82 -19.33 -12.41 10.38
N VAL B 83 -19.72 -12.12 11.63
CA VAL B 83 -21.13 -12.11 12.05
C VAL B 83 -21.41 -10.96 13.03
N HIS B 84 -22.64 -10.43 13.01
CA HIS B 84 -23.09 -9.45 14.00
C HIS B 84 -24.37 -9.90 14.70
N LEU B 85 -24.21 -10.36 15.94
CA LEU B 85 -25.32 -10.82 16.77
C LEU B 85 -26.03 -9.69 17.52
N ARG B 86 -25.44 -8.50 17.52
CA ARG B 86 -26.08 -7.24 18.02
C ARG B 86 -26.27 -7.12 19.54
N GLU B 87 -26.67 -8.20 20.21
CA GLU B 87 -26.69 -8.25 21.68
C GLU B 87 -25.24 -8.33 22.18
N PRO B 88 -24.89 -7.57 23.23
CA PRO B 88 -25.69 -6.65 24.03
C PRO B 88 -25.69 -5.23 23.46
N GLY B 89 -26.77 -4.49 23.71
CA GLY B 89 -26.92 -3.12 23.24
C GLY B 89 -28.01 -2.97 22.20
N GLY B 90 -27.93 -3.78 21.15
CA GLY B 90 -28.89 -3.73 20.04
C GLY B 90 -29.71 -5.00 19.94
N GLU B 91 -30.30 -5.41 21.06
CA GLU B 91 -31.06 -6.66 21.13
C GLU B 91 -32.32 -6.65 20.25
N HIS B 92 -32.88 -5.46 20.01
CA HIS B 92 -33.99 -5.27 19.08
C HIS B 92 -33.70 -5.67 17.63
N LYS B 93 -32.48 -5.44 17.17
CA LYS B 93 -32.06 -5.83 15.82
C LYS B 93 -31.88 -7.33 15.72
N GLU B 94 -31.22 -7.89 16.72
CA GLU B 94 -30.94 -9.33 16.80
C GLU B 94 -30.51 -9.68 18.23
N THR B 95 -30.77 -10.92 18.65
CA THR B 95 -30.31 -11.42 19.96
C THR B 95 -29.44 -12.65 19.74
N ILE B 96 -28.74 -13.08 20.78
CA ILE B 96 -27.86 -14.24 20.70
C ILE B 96 -28.65 -15.47 20.25
N GLU B 97 -29.82 -15.68 20.85
CA GLU B 97 -30.64 -16.85 20.56
C GLU B 97 -31.21 -16.83 19.14
N THR B 98 -31.74 -15.69 18.71
CA THR B 98 -32.36 -15.59 17.38
C THR B 98 -31.34 -15.75 16.26
N GLY B 99 -30.21 -15.07 16.40
CA GLY B 99 -29.13 -15.12 15.41
C GLY B 99 -28.53 -16.50 15.28
N THR B 100 -28.20 -17.12 16.41
CA THR B 100 -27.61 -18.47 16.42
C THR B 100 -28.58 -19.53 15.91
N LEU B 101 -29.88 -19.30 16.13
CA LEU B 101 -30.92 -20.17 15.60
C LEU B 101 -31.05 -19.97 14.10
N ALA B 102 -31.06 -18.71 13.68
CA ALA B 102 -31.06 -18.36 12.25
C ALA B 102 -29.79 -18.86 11.55
N ALA B 103 -28.67 -18.83 12.26
CA ALA B 103 -27.40 -19.34 11.74
C ALA B 103 -27.47 -20.84 11.52
N ALA B 104 -28.10 -21.55 12.45
CA ALA B 104 -28.30 -22.99 12.32
C ALA B 104 -29.17 -23.34 11.12
N LYS B 105 -30.15 -22.49 10.84
CA LYS B 105 -31.02 -22.66 9.68
C LYS B 105 -30.24 -22.58 8.36
N GLY B 106 -29.22 -21.72 8.33
CA GLY B 106 -28.31 -21.60 7.18
C GLY B 106 -27.24 -22.70 7.09
N GLY B 107 -27.19 -23.59 8.07
CA GLY B 107 -26.21 -24.69 8.08
C GLY B 107 -24.94 -24.39 8.86
N PHE B 108 -24.90 -23.23 9.53
CA PHE B 108 -23.72 -22.81 10.29
C PHE B 108 -23.72 -23.40 11.71
N THR B 109 -22.63 -24.08 12.06
CA THR B 109 -22.41 -24.61 13.41
C THR B 109 -21.39 -23.82 14.22
N THR B 110 -20.54 -23.03 13.56
CA THR B 110 -19.54 -22.20 14.25
C THR B 110 -19.55 -20.81 13.62
N ILE B 111 -19.85 -19.80 14.44
CA ILE B 111 -19.86 -18.40 13.99
C ILE B 111 -18.97 -17.53 14.87
N CYS B 112 -18.52 -16.40 14.32
CA CYS B 112 -17.60 -15.50 15.03
C CYS B 112 -18.18 -14.08 15.15
N ALA B 113 -18.60 -13.72 16.35
CA ALA B 113 -19.37 -12.49 16.58
C ALA B 113 -18.48 -11.25 16.71
N MET B 114 -18.74 -10.24 15.89
CA MET B 114 -17.95 -9.01 15.89
C MET B 114 -18.22 -8.14 17.13
N PRO B 115 -17.30 -7.18 17.42
CA PRO B 115 -17.33 -6.49 18.71
C PRO B 115 -17.91 -5.07 18.70
N ASN B 116 -18.74 -4.73 17.71
CA ASN B 116 -19.34 -3.39 17.67
C ASN B 116 -20.69 -3.36 18.41
N THR B 117 -20.62 -3.65 19.71
CA THR B 117 -21.79 -3.77 20.57
C THR B 117 -21.69 -2.78 21.74
N ARG B 118 -22.73 -2.71 22.57
CA ARG B 118 -22.74 -1.86 23.77
C ARG B 118 -23.07 -2.73 24.99
N PRO B 119 -22.06 -3.06 25.82
CA PRO B 119 -20.66 -2.62 25.74
C PRO B 119 -19.82 -3.38 24.70
N VAL B 120 -18.75 -2.73 24.27
CA VAL B 120 -17.72 -3.35 23.43
C VAL B 120 -16.89 -4.28 24.30
N PRO B 121 -16.62 -5.51 23.82
CA PRO B 121 -15.74 -6.40 24.61
C PRO B 121 -14.29 -5.92 24.59
N ASP B 122 -13.98 -4.98 25.49
CA ASP B 122 -12.67 -4.31 25.56
C ASP B 122 -11.93 -4.50 26.90
N CYS B 123 -12.45 -5.39 27.75
CA CYS B 123 -11.92 -5.61 29.10
C CYS B 123 -12.43 -6.92 29.70
N ARG B 124 -11.93 -7.28 30.89
CA ARG B 124 -12.32 -8.53 31.55
C ARG B 124 -13.82 -8.60 31.85
N GLU B 125 -14.37 -7.49 32.34
CA GLU B 125 -15.78 -7.43 32.73
C GLU B 125 -16.71 -7.73 31.55
N HIS B 126 -16.44 -7.09 30.41
CA HIS B 126 -17.32 -7.21 29.24
C HIS B 126 -17.21 -8.56 28.50
N MET B 127 -15.99 -9.10 28.42
CA MET B 127 -15.76 -10.38 27.75
C MET B 127 -16.28 -11.57 28.58
N GLU B 128 -16.20 -11.46 29.90
CA GLU B 128 -16.79 -12.46 30.81
C GLU B 128 -18.31 -12.49 30.66
N ASP B 129 -18.91 -11.29 30.60
CA ASP B 129 -20.34 -11.14 30.41
C ASP B 129 -20.78 -11.75 29.08
N LEU B 130 -20.09 -11.37 28.01
CA LEU B 130 -20.38 -11.87 26.67
C LEU B 130 -20.27 -13.40 26.60
N GLN B 131 -19.23 -13.96 27.22
CA GLN B 131 -18.99 -15.41 27.16
C GLN B 131 -20.01 -16.25 27.93
N ASN B 132 -20.65 -15.66 28.93
CA ASN B 132 -21.72 -16.34 29.69
C ASN B 132 -23.03 -16.40 28.91
N ARG B 133 -23.38 -15.30 28.24
CA ARG B 133 -24.57 -15.24 27.37
C ARG B 133 -24.50 -16.31 26.27
N ILE B 134 -23.32 -16.46 25.68
CA ILE B 134 -23.06 -17.51 24.69
C ILE B 134 -23.25 -18.91 25.30
N LYS B 135 -22.68 -19.13 26.49
CA LYS B 135 -22.83 -20.39 27.21
C LYS B 135 -24.28 -20.69 27.57
N GLU B 136 -25.04 -19.65 27.92
CA GLU B 136 -26.41 -19.79 28.40
C GLU B 136 -27.41 -20.10 27.27
N LYS B 137 -27.34 -19.33 26.20
CA LYS B 137 -28.44 -19.27 25.22
C LYS B 137 -27.97 -19.11 23.77
N ALA B 138 -27.06 -19.99 23.34
CA ALA B 138 -26.58 -20.02 21.95
C ALA B 138 -26.75 -21.40 21.36
N HIS B 139 -27.51 -21.49 20.27
CA HIS B 139 -27.79 -22.78 19.62
C HIS B 139 -26.59 -23.35 18.85
N VAL B 140 -25.64 -22.49 18.49
CA VAL B 140 -24.42 -22.91 17.78
C VAL B 140 -23.17 -22.41 18.51
N ASN B 141 -22.00 -22.90 18.08
CA ASN B 141 -20.72 -22.45 18.64
C ASN B 141 -20.44 -20.99 18.26
N VAL B 142 -20.28 -20.13 19.27
CA VAL B 142 -19.97 -18.71 19.04
C VAL B 142 -18.60 -18.39 19.62
N LEU B 143 -17.71 -17.84 18.77
CA LEU B 143 -16.38 -17.42 19.17
C LEU B 143 -16.26 -15.91 19.00
N PRO B 144 -16.25 -15.16 20.12
CA PRO B 144 -16.32 -13.70 19.99
C PRO B 144 -14.97 -13.03 19.70
N TYR B 145 -15.01 -11.95 18.92
CA TYR B 145 -13.83 -11.13 18.66
C TYR B 145 -13.57 -10.21 19.85
N GLY B 146 -12.30 -9.97 20.13
CA GLY B 146 -11.91 -8.89 21.03
C GLY B 146 -11.74 -7.63 20.21
N ALA B 147 -11.96 -6.48 20.81
CA ALA B 147 -11.65 -5.21 20.16
C ALA B 147 -10.15 -4.94 20.15
N ILE B 148 -9.68 -4.16 19.19
CA ILE B 148 -8.29 -3.69 19.17
C ILE B 148 -8.16 -2.54 20.13
N THR B 149 -9.09 -1.58 20.04
CA THR B 149 -9.08 -0.42 20.94
C THR B 149 -10.33 -0.33 21.78
N VAL B 150 -10.22 0.41 22.88
CA VAL B 150 -11.28 0.53 23.88
C VAL B 150 -12.42 1.40 23.31
N ARG B 151 -13.65 0.87 23.37
CA ARG B 151 -14.83 1.50 22.76
C ARG B 151 -14.68 1.80 21.26
N GLN B 152 -13.81 1.03 20.59
CA GLN B 152 -13.48 1.26 19.16
C GLN B 152 -13.16 2.72 18.83
N ALA B 153 -12.67 3.47 19.83
CA ALA B 153 -12.43 4.90 19.68
C ALA B 153 -11.07 5.18 19.04
N GLY B 154 -10.19 4.19 19.03
CA GLY B 154 -8.94 4.24 18.27
C GLY B 154 -7.79 5.03 18.87
N SER B 155 -7.86 5.33 20.17
CA SER B 155 -6.82 6.08 20.87
C SER B 155 -6.10 5.30 21.99
N GLU B 156 -6.62 4.14 22.35
CA GLU B 156 -6.04 3.33 23.43
C GLU B 156 -6.29 1.84 23.17
N MET B 157 -5.22 1.06 23.20
CA MET B 157 -5.31 -0.38 22.89
C MET B 157 -5.90 -1.16 24.05
N THR B 158 -6.57 -2.26 23.75
CA THR B 158 -7.12 -3.16 24.77
C THR B 158 -6.02 -4.05 25.37
N ASP B 159 -6.37 -4.78 26.43
CA ASP B 159 -5.45 -5.74 27.05
C ASP B 159 -5.51 -7.08 26.31
N PHE B 160 -4.69 -7.21 25.28
CA PHE B 160 -4.70 -8.37 24.40
C PHE B 160 -4.52 -9.69 25.15
N GLU B 161 -3.68 -9.66 26.18
CA GLU B 161 -3.40 -10.86 26.98
C GLU B 161 -4.62 -11.34 27.78
N THR B 162 -5.33 -10.40 28.39
CA THR B 162 -6.56 -10.69 29.15
C THR B 162 -7.65 -11.23 28.24
N LEU B 163 -7.88 -10.55 27.11
CA LEU B 163 -8.88 -10.99 26.15
C LEU B 163 -8.59 -12.39 25.60
N LYS B 164 -7.33 -12.68 25.30
CA LYS B 164 -6.94 -14.04 24.88
C LYS B 164 -7.30 -15.11 25.91
N GLU B 165 -7.08 -14.81 27.19
CA GLU B 165 -7.36 -15.76 28.27
C GLU B 165 -8.83 -16.12 28.32
N LEU B 166 -9.68 -15.11 28.10
CA LEU B 166 -11.13 -15.31 28.08
C LEU B 166 -11.70 -15.70 26.71
N GLY B 167 -10.85 -16.29 25.85
CA GLY B 167 -11.32 -16.94 24.63
C GLY B 167 -11.72 -16.01 23.50
N ALA B 168 -10.98 -14.92 23.33
CA ALA B 168 -11.18 -14.02 22.20
C ALA B 168 -10.67 -14.71 20.93
N PHE B 169 -11.50 -14.72 19.88
CA PHE B 169 -11.16 -15.35 18.61
C PHE B 169 -9.98 -14.66 17.92
N ALA B 170 -10.09 -13.34 17.77
CA ALA B 170 -9.05 -12.52 17.16
C ALA B 170 -9.29 -11.05 17.55
N PHE B 171 -8.53 -10.13 16.96
CA PHE B 171 -8.67 -8.71 17.28
C PHE B 171 -9.10 -7.85 16.08
N THR B 172 -10.08 -6.97 16.30
CA THR B 172 -10.61 -6.10 15.25
C THR B 172 -11.37 -4.91 15.82
N ASP B 173 -11.58 -3.89 14.99
CA ASP B 173 -12.47 -2.78 15.30
C ASP B 173 -13.60 -2.70 14.27
N ASP B 174 -14.02 -3.86 13.77
CA ASP B 174 -15.03 -3.93 12.69
C ASP B 174 -16.21 -3.01 12.97
N GLY B 175 -16.63 -2.30 11.93
CA GLY B 175 -17.53 -1.16 12.05
C GLY B 175 -16.78 0.09 11.62
N VAL B 176 -15.58 0.26 12.19
CA VAL B 176 -14.68 1.36 11.83
C VAL B 176 -13.27 0.82 11.56
N GLY B 177 -12.43 1.67 10.97
CA GLY B 177 -11.03 1.33 10.73
C GLY B 177 -10.13 1.92 11.80
N VAL B 178 -8.94 1.33 11.95
CA VAL B 178 -7.91 1.90 12.82
C VAL B 178 -7.19 2.98 12.01
N GLN B 179 -7.43 4.24 12.36
CA GLN B 179 -6.91 5.39 11.60
C GLN B 179 -5.45 5.70 11.90
N ASP B 180 -5.02 5.50 13.14
CA ASP B 180 -3.62 5.71 13.53
C ASP B 180 -2.78 4.50 13.11
N ALA B 181 -1.81 4.75 12.24
CA ALA B 181 -0.95 3.69 11.73
C ALA B 181 -0.08 3.10 12.84
N SER B 182 0.40 3.96 13.75
CA SER B 182 1.22 3.51 14.88
C SER B 182 0.43 2.57 15.78
N MET B 183 -0.86 2.84 15.98
CA MET B 183 -1.72 1.95 16.74
C MET B 183 -1.87 0.59 16.07
N MET B 184 -2.05 0.56 14.75
CA MET B 184 -2.21 -0.72 14.04
C MET B 184 -0.91 -1.53 14.08
N LEU B 185 0.23 -0.86 13.97
CA LEU B 185 1.54 -1.50 14.08
C LEU B 185 1.75 -2.10 15.47
N ALA B 186 1.48 -1.30 16.51
CA ALA B 186 1.56 -1.76 17.90
C ALA B 186 0.64 -2.96 18.17
N ALA B 187 -0.55 -2.93 17.57
CA ALA B 187 -1.52 -4.02 17.73
C ALA B 187 -1.05 -5.31 17.07
N MET B 188 -0.39 -5.19 15.92
CA MET B 188 0.11 -6.36 15.19
C MET B 188 1.31 -6.99 15.89
N LYS B 189 2.13 -6.17 16.54
CA LYS B 189 3.25 -6.67 17.36
C LYS B 189 2.73 -7.46 18.55
N ARG B 190 1.80 -6.87 19.29
CA ARG B 190 1.18 -7.54 20.45
C ARG B 190 0.46 -8.83 20.01
N ALA B 191 -0.23 -8.78 18.88
CA ALA B 191 -0.96 -9.94 18.34
C ALA B 191 -0.04 -11.07 17.87
N ALA B 192 1.08 -10.70 17.25
CA ALA B 192 2.05 -11.69 16.74
C ALA B 192 2.77 -12.43 17.88
N LYS B 193 3.02 -11.74 18.98
CA LYS B 193 3.64 -12.35 20.15
C LYS B 193 2.72 -13.43 20.77
N LEU B 194 1.42 -13.17 20.77
CA LEU B 194 0.42 -14.10 21.34
C LEU B 194 -0.08 -15.15 20.33
N ASN B 195 0.50 -15.18 19.13
CA ASN B 195 0.08 -16.09 18.07
C ASN B 195 -1.40 -15.94 17.73
N MET B 196 -1.80 -14.72 17.41
CA MET B 196 -3.19 -14.40 17.09
C MET B 196 -3.28 -13.40 15.94
N ALA B 197 -4.46 -13.35 15.32
CA ALA B 197 -4.66 -12.56 14.10
C ALA B 197 -5.26 -11.18 14.37
N VAL B 198 -4.85 -10.23 13.54
CA VAL B 198 -5.47 -8.90 13.50
C VAL B 198 -6.37 -8.90 12.27
N VAL B 199 -7.64 -8.61 12.49
CA VAL B 199 -8.65 -8.65 11.44
C VAL B 199 -9.14 -7.22 11.22
N ALA B 200 -9.11 -6.75 9.96
CA ALA B 200 -9.29 -5.33 9.68
C ALA B 200 -10.45 -4.98 8.74
N HIS B 201 -11.38 -4.19 9.27
CA HIS B 201 -12.28 -3.39 8.46
C HIS B 201 -11.45 -2.22 7.93
N CYS B 202 -11.14 -2.25 6.64
CA CYS B 202 -10.28 -1.24 6.02
C CYS B 202 -11.11 -0.10 5.44
N GLU B 203 -10.99 1.07 6.06
CA GLU B 203 -11.70 2.29 5.65
C GLU B 203 -10.92 3.56 6.08
N GLU B 204 -10.48 4.34 5.10
CA GLU B 204 -9.78 5.62 5.36
C GLU B 204 -10.81 6.75 5.44
N ASN B 205 -10.98 7.30 6.64
CA ASN B 205 -12.10 8.20 6.93
C ASN B 205 -12.15 9.49 6.10
N THR B 206 -10.99 10.03 5.75
CA THR B 206 -10.93 11.26 4.94
C THR B 206 -11.44 11.05 3.50
N LEU B 207 -11.48 9.80 3.04
CA LEU B 207 -11.90 9.47 1.68
C LEU B 207 -13.36 9.01 1.56
N ILE B 208 -14.11 9.00 2.66
CA ILE B 208 -15.52 8.52 2.64
C ILE B 208 -16.41 9.42 1.78
N ASN B 209 -16.26 10.73 1.91
CA ASN B 209 -17.03 11.72 1.14
C ASN B 209 -18.54 11.67 1.41
N LYS B 210 -18.89 11.37 2.67
CA LYS B 210 -20.29 11.26 3.10
C LYS B 210 -21.11 10.27 2.26
N GLY B 211 -20.43 9.28 1.68
CA GLY B 211 -21.07 8.40 0.71
C GLY B 211 -22.02 7.39 1.32
N CYS B 212 -23.07 7.05 0.56
CA CYS B 212 -24.00 5.98 0.93
C CYS B 212 -23.96 4.79 -0.05
N VAL B 213 -23.26 4.97 -1.17
CA VAL B 213 -23.15 3.95 -2.23
C VAL B 213 -21.78 4.08 -2.90
N HIS B 214 -21.50 3.20 -3.86
CA HIS B 214 -20.27 3.28 -4.64
C HIS B 214 -20.22 4.53 -5.51
N GLU B 215 -19.03 5.12 -5.62
CA GLU B 215 -18.81 6.22 -6.55
C GLU B 215 -18.61 5.63 -7.96
N GLY B 216 -19.67 5.67 -8.77
CA GLY B 216 -19.64 5.10 -10.12
C GLY B 216 -20.83 5.53 -10.96
N LYS B 217 -21.36 4.59 -11.74
CA LYS B 217 -22.53 4.87 -12.59
C LYS B 217 -23.79 5.22 -11.80
N PHE B 218 -24.01 4.50 -10.69
CA PHE B 218 -25.21 4.67 -9.87
C PHE B 218 -25.23 6.02 -9.14
N SER B 219 -24.09 6.41 -8.57
CA SER B 219 -23.99 7.69 -7.86
C SER B 219 -24.17 8.89 -8.79
N GLU B 220 -23.62 8.79 -9.99
CA GLU B 220 -23.82 9.80 -11.03
C GLU B 220 -25.30 9.89 -11.42
N LYS B 221 -25.88 8.74 -11.74
CA LYS B 221 -27.27 8.64 -12.20
C LYS B 221 -28.24 9.31 -11.22
N HIS B 222 -28.23 8.87 -9.97
CA HIS B 222 -29.20 9.31 -8.95
C HIS B 222 -28.74 10.50 -8.12
N GLY B 223 -27.62 11.12 -8.50
CA GLY B 223 -27.14 12.33 -7.84
C GLY B 223 -26.85 12.18 -6.36
N LEU B 224 -26.27 11.04 -5.99
CA LEU B 224 -25.86 10.76 -4.61
C LEU B 224 -24.35 10.90 -4.46
N ASN B 225 -23.89 11.14 -3.24
CA ASN B 225 -22.46 11.12 -2.94
C ASN B 225 -21.95 9.68 -2.87
N GLY B 226 -20.78 9.42 -3.45
CA GLY B 226 -20.22 8.07 -3.53
C GLY B 226 -18.97 7.85 -2.70
N ILE B 227 -18.77 6.61 -2.26
CA ILE B 227 -17.53 6.18 -1.61
C ILE B 227 -16.61 5.60 -2.70
N PRO B 228 -15.44 6.22 -2.94
CA PRO B 228 -14.53 5.70 -3.95
C PRO B 228 -13.80 4.43 -3.50
N SER B 229 -13.30 3.66 -4.46
CA SER B 229 -12.62 2.40 -4.19
C SER B 229 -11.38 2.56 -3.31
N VAL B 230 -10.60 3.62 -3.53
CA VAL B 230 -9.38 3.89 -2.75
C VAL B 230 -9.61 4.05 -1.24
N CYS B 231 -10.83 4.34 -0.81
CA CYS B 231 -11.18 4.38 0.61
C CYS B 231 -10.90 3.04 1.31
N GLU B 232 -11.12 1.95 0.60
CA GLU B 232 -10.82 0.61 1.11
C GLU B 232 -9.37 0.24 0.90
N SER B 233 -8.88 0.40 -0.33
CA SER B 233 -7.61 -0.19 -0.74
C SER B 233 -6.36 0.44 -0.13
N VAL B 234 -6.39 1.73 0.21
CA VAL B 234 -5.21 2.37 0.83
C VAL B 234 -4.87 1.79 2.22
N HIS B 235 -5.89 1.40 2.98
CA HIS B 235 -5.67 0.76 4.28
C HIS B 235 -5.10 -0.65 4.15
N ILE B 236 -5.62 -1.44 3.22
CA ILE B 236 -5.09 -2.78 2.95
C ILE B 236 -3.61 -2.69 2.62
N ALA B 237 -3.28 -1.82 1.68
CA ALA B 237 -1.88 -1.59 1.29
C ALA B 237 -1.01 -1.19 2.49
N ARG B 238 -1.50 -0.24 3.29
CA ARG B 238 -0.81 0.18 4.52
C ARG B 238 -0.58 -0.98 5.48
N ASP B 239 -1.66 -1.67 5.83
CA ASP B 239 -1.63 -2.71 6.85
C ASP B 239 -0.74 -3.89 6.46
N ILE B 240 -0.78 -4.26 5.18
CA ILE B 240 0.08 -5.33 4.69
C ILE B 240 1.55 -5.07 5.04
N LEU B 241 2.00 -3.83 4.90
CA LEU B 241 3.39 -3.49 5.22
C LEU B 241 3.65 -3.55 6.72
N LEU B 242 2.71 -3.03 7.51
CA LEU B 242 2.80 -3.09 8.97
C LEU B 242 2.82 -4.55 9.45
N ALA B 243 2.02 -5.39 8.82
CA ALA B 243 1.94 -6.81 9.17
C ALA B 243 3.21 -7.59 8.81
N GLU B 244 3.88 -7.20 7.73
CA GLU B 244 5.20 -7.74 7.38
C GLU B 244 6.24 -7.37 8.43
N ALA B 245 6.21 -6.11 8.87
CA ALA B 245 7.14 -5.62 9.88
C ALA B 245 6.94 -6.31 11.23
N ALA B 246 5.68 -6.63 11.57
CA ALA B 246 5.35 -7.26 12.85
C ALA B 246 5.44 -8.79 12.84
N ASP B 247 5.57 -9.39 11.65
CA ASP B 247 5.51 -10.85 11.45
C ASP B 247 4.16 -11.42 11.90
N CYS B 248 3.12 -10.63 11.67
CA CYS B 248 1.79 -10.91 12.19
C CYS B 248 0.87 -11.47 11.12
N HIS B 249 -0.09 -12.30 11.55
CA HIS B 249 -1.16 -12.74 10.65
C HIS B 249 -2.18 -11.62 10.52
N TYR B 250 -2.41 -11.20 9.28
CA TYR B 250 -3.33 -10.12 8.94
C TYR B 250 -4.45 -10.65 8.06
N HIS B 251 -5.70 -10.33 8.39
CA HIS B 251 -6.86 -10.78 7.63
C HIS B 251 -7.74 -9.61 7.22
N VAL B 252 -8.08 -9.55 5.94
CA VAL B 252 -8.86 -8.45 5.39
C VAL B 252 -10.35 -8.79 5.40
N CYS B 253 -11.16 -7.92 6.00
CA CYS B 253 -12.60 -8.08 6.00
C CYS B 253 -13.19 -7.76 4.62
N HIS B 254 -14.29 -8.43 4.31
CA HIS B 254 -15.04 -8.27 3.05
C HIS B 254 -14.42 -7.38 1.98
N VAL B 255 -13.61 -7.98 1.12
CA VAL B 255 -12.96 -7.29 -0.01
C VAL B 255 -14.03 -6.85 -1.02
N SER B 256 -13.79 -5.74 -1.72
CA SER B 256 -14.75 -5.23 -2.71
C SER B 256 -14.19 -4.50 -3.94
N THR B 257 -12.87 -4.30 -4.04
CA THR B 257 -12.28 -3.57 -5.17
C THR B 257 -11.24 -4.38 -5.93
N LYS B 258 -11.04 -4.03 -7.19
CA LYS B 258 -10.02 -4.63 -8.05
C LYS B 258 -8.61 -4.36 -7.51
N GLY B 259 -8.40 -3.14 -7.01
CA GLY B 259 -7.11 -2.74 -6.44
C GLY B 259 -6.77 -3.50 -5.16
N SER B 260 -7.79 -3.73 -4.33
CA SER B 260 -7.63 -4.47 -3.09
C SER B 260 -7.16 -5.90 -3.36
N VAL B 261 -7.74 -6.53 -4.38
CA VAL B 261 -7.39 -7.91 -4.73
C VAL B 261 -5.95 -7.96 -5.27
N ARG B 262 -5.59 -7.00 -6.11
CA ARG B 262 -4.23 -6.90 -6.63
C ARG B 262 -3.18 -6.80 -5.52
N VAL B 263 -3.36 -5.86 -4.59
CA VAL B 263 -2.34 -5.68 -3.53
C VAL B 263 -2.19 -6.89 -2.61
N ILE B 264 -3.28 -7.65 -2.42
CA ILE B 264 -3.25 -8.90 -1.65
C ILE B 264 -2.51 -9.99 -2.46
N ARG B 265 -2.77 -10.04 -3.76
CA ARG B 265 -2.05 -10.95 -4.66
C ARG B 265 -0.55 -10.66 -4.66
N ASP B 266 -0.18 -9.37 -4.63
CA ASP B 266 1.23 -8.96 -4.59
C ASP B 266 1.89 -9.39 -3.28
N ALA B 267 1.17 -9.13 -2.19
CA ALA B 267 1.62 -9.50 -0.83
C ALA B 267 1.86 -11.00 -0.69
N LYS B 268 0.94 -11.80 -1.24
CA LYS B 268 1.03 -13.25 -1.17
C LYS B 268 2.23 -13.81 -1.95
N ARG B 269 2.53 -13.20 -3.10
CA ARG B 269 3.69 -13.63 -3.89
C ARG B 269 5.02 -13.37 -3.18
N ALA B 270 5.02 -12.38 -2.30
CA ALA B 270 6.16 -12.09 -1.42
C ALA B 270 6.19 -12.95 -0.15
N GLY B 271 5.16 -13.77 0.06
CA GLY B 271 5.10 -14.65 1.23
C GLY B 271 4.78 -13.94 2.52
N ILE B 272 3.83 -13.00 2.46
CA ILE B 272 3.38 -12.29 3.63
C ILE B 272 2.12 -12.98 4.18
N LYS B 273 2.03 -13.09 5.50
CA LYS B 273 0.94 -13.81 6.15
C LYS B 273 -0.32 -12.96 6.12
N VAL B 274 -0.94 -12.91 4.94
CA VAL B 274 -2.14 -12.13 4.71
C VAL B 274 -3.23 -13.07 4.19
N THR B 275 -4.45 -12.87 4.68
CA THR B 275 -5.62 -13.61 4.19
C THR B 275 -6.77 -12.66 3.92
N ALA B 276 -7.80 -13.16 3.26
CA ALA B 276 -8.96 -12.35 2.95
C ALA B 276 -10.24 -13.16 2.76
N GLU B 277 -11.36 -12.45 2.83
CA GLU B 277 -12.68 -13.02 2.70
C GLU B 277 -13.51 -12.17 1.73
N VAL B 278 -14.62 -12.74 1.26
CA VAL B 278 -15.58 -12.01 0.43
C VAL B 278 -16.98 -12.44 0.82
N THR B 279 -17.94 -11.53 0.69
CA THR B 279 -19.32 -11.83 1.05
C THR B 279 -20.06 -12.47 -0.12
N PRO B 280 -21.20 -13.14 0.16
CA PRO B 280 -22.08 -13.59 -0.90
C PRO B 280 -22.57 -12.46 -1.81
N HIS B 281 -23.09 -11.39 -1.20
CA HIS B 281 -23.63 -10.26 -1.95
C HIS B 281 -22.60 -9.58 -2.87
N HIS B 282 -21.34 -9.56 -2.45
CA HIS B 282 -20.27 -9.03 -3.30
C HIS B 282 -19.88 -10.01 -4.42
N LEU B 283 -20.03 -11.31 -4.17
CA LEU B 283 -19.77 -12.34 -5.18
C LEU B 283 -20.89 -12.47 -6.22
N VAL B 284 -22.05 -11.88 -5.94
CA VAL B 284 -23.22 -12.00 -6.80
C VAL B 284 -23.64 -10.66 -7.45
N LEU B 285 -23.69 -9.60 -6.66
CA LEU B 285 -24.19 -8.29 -7.12
C LEU B 285 -23.07 -7.29 -7.41
N CYS B 286 -23.43 -6.26 -8.18
CA CYS B 286 -22.59 -5.10 -8.42
C CYS B 286 -23.50 -3.88 -8.58
N GLU B 287 -22.93 -2.70 -8.83
CA GLU B 287 -23.69 -1.45 -8.94
C GLU B 287 -24.80 -1.51 -10.01
N ASP B 288 -24.55 -2.26 -11.07
CA ASP B 288 -25.51 -2.40 -12.18
C ASP B 288 -26.81 -3.10 -11.79
N ASP B 289 -26.78 -3.92 -10.74
CA ASP B 289 -27.95 -4.70 -10.31
C ASP B 289 -28.89 -3.95 -9.36
N ILE B 290 -28.53 -2.73 -8.97
CA ILE B 290 -29.34 -1.95 -8.04
C ILE B 290 -30.46 -1.23 -8.81
N PRO B 291 -31.73 -1.63 -8.60
CA PRO B 291 -32.81 -1.07 -9.43
C PRO B 291 -33.14 0.40 -9.14
N SER B 292 -33.02 0.81 -7.88
CA SER B 292 -33.35 2.19 -7.47
C SER B 292 -32.74 2.50 -6.11
N ALA B 293 -33.08 3.66 -5.54
CA ALA B 293 -32.66 4.01 -4.18
C ALA B 293 -33.32 3.11 -3.16
N ASP B 294 -32.81 1.89 -3.03
CA ASP B 294 -33.35 0.87 -2.12
C ASP B 294 -32.34 0.56 -1.03
N PRO B 295 -32.62 1.00 0.22
CA PRO B 295 -31.75 0.75 1.38
C PRO B 295 -31.33 -0.71 1.62
N ASN B 296 -32.08 -1.68 1.10
CA ASN B 296 -31.67 -3.09 1.18
C ASN B 296 -30.49 -3.45 0.27
N PHE B 297 -30.09 -2.54 -0.62
CA PHE B 297 -28.85 -2.68 -1.39
C PHE B 297 -27.71 -1.86 -0.79
N LYS B 298 -27.94 -1.25 0.38
CA LYS B 298 -26.96 -0.37 1.03
C LYS B 298 -26.17 -1.12 2.11
N MET B 299 -24.91 -1.44 1.81
CA MET B 299 -24.00 -1.99 2.82
C MET B 299 -22.59 -1.42 2.65
N ASN B 300 -21.72 -1.75 3.61
CA ASN B 300 -20.34 -1.29 3.63
C ASN B 300 -19.40 -2.49 3.68
N PRO B 301 -18.46 -2.61 2.73
CA PRO B 301 -18.31 -1.76 1.55
C PRO B 301 -19.46 -1.96 0.58
N PRO B 302 -19.72 -0.96 -0.28
CA PRO B 302 -20.85 -1.01 -1.21
C PRO B 302 -20.63 -1.97 -2.38
N LEU B 303 -21.69 -2.14 -3.17
CA LEU B 303 -21.65 -2.94 -4.39
C LEU B 303 -21.02 -2.08 -5.48
N ARG B 304 -19.79 -2.42 -5.86
CA ARG B 304 -18.97 -1.55 -6.71
C ARG B 304 -19.10 -1.92 -8.18
N GLY B 305 -18.13 -1.55 -9.00
CA GLY B 305 -18.25 -1.68 -10.45
C GLY B 305 -18.18 -3.10 -11.01
N LYS B 306 -18.56 -3.21 -12.29
CA LYS B 306 -18.50 -4.47 -13.02
C LYS B 306 -17.09 -5.08 -12.98
N GLU B 307 -16.07 -4.24 -13.18
CA GLU B 307 -14.68 -4.70 -13.15
C GLU B 307 -14.19 -5.10 -11.74
N ASP B 308 -14.72 -4.46 -10.71
CA ASP B 308 -14.43 -4.86 -9.32
C ASP B 308 -15.03 -6.23 -9.03
N HIS B 309 -16.28 -6.42 -9.47
CA HIS B 309 -16.98 -7.70 -9.33
C HIS B 309 -16.22 -8.84 -10.02
N GLU B 310 -15.82 -8.60 -11.26
CA GLU B 310 -15.05 -9.60 -12.02
C GLU B 310 -13.72 -9.94 -11.35
N ALA B 311 -13.10 -8.96 -10.68
CA ALA B 311 -11.85 -9.18 -9.95
C ALA B 311 -12.03 -10.03 -8.69
N LEU B 312 -13.10 -9.78 -7.95
CA LEU B 312 -13.45 -10.60 -6.77
C LEU B 312 -13.67 -12.06 -7.12
N ILE B 313 -14.27 -12.32 -8.28
CA ILE B 313 -14.48 -13.68 -8.80
C ILE B 313 -13.13 -14.33 -9.16
N GLU B 314 -12.30 -13.58 -9.87
CA GLU B 314 -10.99 -14.00 -10.31
C GLU B 314 -10.06 -14.25 -9.11
N GLY B 315 -10.22 -13.41 -8.08
CA GLY B 315 -9.47 -13.55 -6.84
C GLY B 315 -9.88 -14.77 -6.03
N LEU B 316 -11.17 -15.07 -6.02
CA LEU B 316 -11.68 -16.28 -5.36
C LEU B 316 -11.10 -17.54 -6.03
N LEU B 317 -11.02 -17.52 -7.36
CA LEU B 317 -10.56 -18.69 -8.14
C LEU B 317 -9.04 -18.99 -8.05
N ASP B 318 -8.21 -17.94 -7.97
CA ASP B 318 -6.75 -18.10 -8.02
C ASP B 318 -6.07 -18.23 -6.64
N GLY B 319 -6.87 -18.22 -5.57
CA GLY B 319 -6.36 -18.40 -4.21
C GLY B 319 -6.08 -17.11 -3.44
N THR B 320 -6.28 -15.96 -4.10
CA THR B 320 -6.07 -14.66 -3.44
C THR B 320 -7.06 -14.44 -2.30
N ILE B 321 -8.33 -14.71 -2.57
CA ILE B 321 -9.37 -14.64 -1.55
C ILE B 321 -9.57 -16.04 -0.98
N ASP B 322 -9.30 -16.20 0.32
CA ASP B 322 -9.25 -17.50 0.98
C ASP B 322 -10.60 -18.13 1.27
N MET B 323 -11.59 -17.31 1.61
CA MET B 323 -12.87 -17.80 2.13
C MET B 323 -14.04 -16.89 1.82
N ILE B 324 -15.23 -17.39 2.13
CA ILE B 324 -16.47 -16.63 2.05
C ILE B 324 -17.00 -16.41 3.48
N ALA B 325 -17.34 -15.17 3.79
CA ALA B 325 -17.92 -14.82 5.09
C ALA B 325 -19.06 -13.84 4.87
N THR B 326 -20.15 -14.02 5.61
CA THR B 326 -21.42 -13.34 5.31
C THR B 326 -21.45 -11.87 5.67
N ASP B 327 -20.79 -11.52 6.76
CA ASP B 327 -20.98 -10.21 7.40
C ASP B 327 -22.47 -10.01 7.68
N HIS B 328 -23.08 -10.98 8.34
CA HIS B 328 -24.48 -10.91 8.74
C HIS B 328 -24.74 -9.65 9.57
N ALA B 329 -25.46 -8.70 8.98
CA ALA B 329 -25.70 -7.40 9.60
C ALA B 329 -27.20 -7.12 9.65
N PRO B 330 -27.88 -7.60 10.70
CA PRO B 330 -29.33 -7.45 10.80
C PRO B 330 -29.76 -6.05 11.24
N HIS B 331 -30.85 -5.58 10.64
CA HIS B 331 -31.46 -4.30 10.98
C HIS B 331 -32.98 -4.44 10.90
N THR B 332 -33.69 -3.63 11.69
CA THR B 332 -35.15 -3.66 11.69
C THR B 332 -35.69 -2.94 10.45
N ALA B 333 -36.89 -3.32 10.03
CA ALA B 333 -37.53 -2.73 8.85
C ALA B 333 -37.69 -1.22 8.94
N GLU B 334 -38.00 -0.72 10.14
CA GLU B 334 -38.28 0.71 10.34
C GLU B 334 -37.02 1.58 10.17
N GLU B 335 -35.86 1.01 10.47
CA GLU B 335 -34.58 1.70 10.26
C GLU B 335 -34.24 1.80 8.77
N LYS B 336 -34.49 0.71 8.04
CA LYS B 336 -34.32 0.69 6.59
C LYS B 336 -35.43 1.42 5.83
N ALA B 337 -36.59 1.60 6.47
CA ALA B 337 -37.75 2.23 5.84
C ALA B 337 -37.47 3.62 5.28
N GLN B 338 -36.75 4.43 6.05
CA GLN B 338 -36.35 5.77 5.59
C GLN B 338 -35.31 5.66 4.46
N GLY B 339 -34.98 6.81 3.86
CA GLY B 339 -34.27 6.86 2.58
C GLY B 339 -32.89 6.23 2.52
N ILE B 340 -32.36 6.13 1.30
CA ILE B 340 -31.05 5.52 1.06
C ILE B 340 -29.90 6.24 1.76
N GLU B 341 -30.03 7.56 1.94
CA GLU B 341 -28.97 8.36 2.56
C GLU B 341 -28.93 8.23 4.09
N ARG B 342 -30.10 8.17 4.72
CA ARG B 342 -30.19 8.12 6.19
C ARG B 342 -30.14 6.69 6.76
N ALA B 343 -30.53 5.70 5.97
CA ALA B 343 -30.62 4.32 6.45
C ALA B 343 -29.24 3.74 6.80
N PRO B 344 -29.18 2.77 7.74
CA PRO B 344 -27.89 2.22 8.16
C PRO B 344 -27.36 1.15 7.20
N PHE B 345 -26.04 0.99 7.19
CA PHE B 345 -25.39 0.03 6.30
C PHE B 345 -25.58 -1.40 6.80
N GLY B 346 -25.94 -2.31 5.89
CA GLY B 346 -25.91 -3.74 6.19
C GLY B 346 -27.12 -4.51 5.70
N ILE B 347 -26.91 -5.81 5.43
CA ILE B 347 -27.99 -6.73 5.10
C ILE B 347 -27.86 -8.03 5.89
N THR B 348 -29.00 -8.68 6.14
CA THR B 348 -29.01 -10.05 6.69
C THR B 348 -28.39 -11.02 5.68
N GLY B 349 -27.99 -12.21 6.13
CA GLY B 349 -27.07 -13.06 5.37
C GLY B 349 -27.00 -14.53 5.70
N PHE B 350 -27.15 -14.90 6.97
CA PHE B 350 -27.18 -16.31 7.39
C PHE B 350 -28.07 -17.18 6.50
N GLU B 351 -29.34 -16.81 6.44
CA GLU B 351 -30.38 -17.66 5.84
C GLU B 351 -30.33 -17.70 4.31
N THR B 352 -29.70 -16.72 3.68
CA THR B 352 -29.55 -16.69 2.21
C THR B 352 -28.23 -17.24 1.68
N ALA B 353 -27.27 -17.51 2.55
CA ALA B 353 -25.87 -17.77 2.13
C ALA B 353 -25.68 -18.95 1.17
N PHE B 354 -26.00 -20.17 1.61
CA PHE B 354 -25.73 -21.36 0.80
C PHE B 354 -26.64 -21.51 -0.43
N PRO B 355 -27.94 -21.22 -0.29
CA PRO B 355 -28.81 -21.32 -1.47
C PRO B 355 -28.40 -20.37 -2.59
N LEU B 356 -28.16 -19.11 -2.25
CA LEU B 356 -27.75 -18.09 -3.21
C LEU B 356 -26.47 -18.50 -3.93
N LEU B 357 -25.48 -18.98 -3.19
CA LEU B 357 -24.20 -19.34 -3.78
C LEU B 357 -24.22 -20.66 -4.56
N TYR B 358 -25.05 -21.62 -4.14
CA TYR B 358 -25.25 -22.84 -4.94
C TYR B 358 -25.95 -22.52 -6.26
N THR B 359 -26.98 -21.68 -6.20
CA THR B 359 -27.77 -21.33 -7.38
C THR B 359 -26.97 -20.43 -8.34
N ASN B 360 -26.49 -19.29 -7.84
CA ASN B 360 -25.89 -18.26 -8.70
C ASN B 360 -24.38 -18.40 -8.99
N LEU B 361 -23.70 -19.36 -8.38
CA LEU B 361 -22.29 -19.64 -8.68
C LEU B 361 -22.03 -21.09 -9.11
N VAL B 362 -22.55 -22.05 -8.34
CA VAL B 362 -22.26 -23.47 -8.60
C VAL B 362 -23.03 -23.97 -9.82
N LYS B 363 -24.32 -23.69 -9.86
CA LYS B 363 -25.16 -24.10 -11.00
C LYS B 363 -24.83 -23.34 -12.29
N LYS B 364 -24.21 -22.17 -12.15
CA LYS B 364 -23.76 -21.38 -13.30
C LYS B 364 -22.36 -21.78 -13.82
N GLY B 365 -21.71 -22.72 -13.13
CA GLY B 365 -20.39 -23.21 -13.53
C GLY B 365 -19.25 -22.25 -13.27
N ILE B 366 -19.43 -21.34 -12.31
CA ILE B 366 -18.37 -20.39 -11.93
C ILE B 366 -17.41 -21.05 -10.94
N ILE B 367 -17.97 -21.81 -10.00
CA ILE B 367 -17.18 -22.67 -9.09
C ILE B 367 -17.89 -24.01 -8.90
N THR B 368 -17.13 -25.04 -8.56
CA THR B 368 -17.70 -26.37 -8.29
C THR B 368 -18.36 -26.37 -6.91
N LEU B 369 -19.09 -27.45 -6.63
CA LEU B 369 -19.74 -27.61 -5.32
C LEU B 369 -18.69 -27.87 -4.24
N GLU B 370 -17.66 -28.63 -4.61
CA GLU B 370 -16.51 -28.90 -3.74
C GLU B 370 -15.90 -27.61 -3.20
N GLN B 371 -15.78 -26.62 -4.08
CA GLN B 371 -15.19 -25.35 -3.72
C GLN B 371 -16.12 -24.52 -2.82
N LEU B 372 -17.42 -24.52 -3.14
CA LEU B 372 -18.40 -23.78 -2.32
C LEU B 372 -18.42 -24.29 -0.88
N ILE B 373 -18.26 -25.59 -0.72
CA ILE B 373 -18.21 -26.20 0.61
C ILE B 373 -16.92 -25.77 1.32
N GLN B 374 -15.80 -25.96 0.66
CA GLN B 374 -14.48 -25.61 1.20
C GLN B 374 -14.37 -24.15 1.66
N PHE B 375 -14.92 -23.23 0.87
CA PHE B 375 -14.88 -21.80 1.22
C PHE B 375 -15.71 -21.47 2.46
N LEU B 376 -16.68 -22.32 2.78
CA LEU B 376 -17.55 -22.13 3.95
C LEU B 376 -17.26 -23.08 5.12
N THR B 377 -16.21 -23.90 5.03
CA THR B 377 -15.88 -24.87 6.08
C THR B 377 -14.38 -24.95 6.40
N GLU B 378 -13.65 -25.72 5.60
CA GLU B 378 -12.27 -26.09 5.93
C GLU B 378 -11.25 -24.98 5.65
N LYS B 379 -11.53 -24.11 4.69
CA LYS B 379 -10.67 -22.95 4.43
C LYS B 379 -10.70 -21.94 5.59
N PRO B 380 -11.89 -21.50 6.03
CA PRO B 380 -11.92 -20.59 7.18
C PRO B 380 -11.36 -21.20 8.46
N ALA B 381 -11.61 -22.50 8.66
CA ALA B 381 -11.08 -23.21 9.82
C ALA B 381 -9.55 -23.24 9.81
N ASP B 382 -8.97 -23.62 8.67
CA ASP B 382 -7.50 -23.72 8.54
C ASP B 382 -6.80 -22.38 8.73
N THR B 383 -7.40 -21.32 8.19
CA THR B 383 -6.85 -19.96 8.30
C THR B 383 -6.65 -19.53 9.76
N PHE B 384 -7.67 -19.74 10.59
CA PHE B 384 -7.62 -19.30 11.99
C PHE B 384 -7.33 -20.42 13.00
N GLY B 385 -6.92 -21.59 12.52
CA GLY B 385 -6.48 -22.69 13.40
C GLY B 385 -7.57 -23.37 14.21
N LEU B 386 -8.67 -23.76 13.54
CA LEU B 386 -9.82 -24.41 14.20
C LEU B 386 -9.91 -25.90 13.92
N GLU B 387 -10.39 -26.65 14.89
CA GLU B 387 -10.80 -28.03 14.69
C GLU B 387 -12.28 -28.02 14.31
N ALA B 388 -12.54 -27.72 13.04
CA ALA B 388 -13.92 -27.56 12.56
C ALA B 388 -13.97 -27.64 11.03
N GLY B 389 -15.18 -27.85 10.52
CA GLY B 389 -15.43 -27.87 9.08
C GLY B 389 -14.89 -29.08 8.34
N ARG B 390 -14.81 -30.22 9.02
CA ARG B 390 -14.38 -31.46 8.40
C ARG B 390 -15.12 -32.67 8.98
N LEU B 391 -15.76 -33.44 8.10
CA LEU B 391 -16.41 -34.69 8.49
C LEU B 391 -15.35 -35.79 8.63
N LYS B 392 -14.62 -35.74 9.74
CA LYS B 392 -13.55 -36.69 10.05
C LYS B 392 -13.93 -37.49 11.28
N GLU B 393 -13.53 -38.76 11.31
CA GLU B 393 -13.73 -39.62 12.48
C GLU B 393 -12.82 -39.14 13.61
N GLY B 394 -13.44 -38.80 14.74
CA GLY B 394 -12.72 -38.27 15.91
C GLY B 394 -13.16 -36.88 16.31
N ARG B 395 -13.61 -36.10 15.33
CA ARG B 395 -14.02 -34.70 15.58
C ARG B 395 -15.43 -34.62 16.17
N THR B 396 -15.73 -33.45 16.73
CA THR B 396 -17.08 -33.12 17.22
C THR B 396 -18.07 -33.20 16.06
N ALA B 397 -19.24 -33.79 16.32
CA ALA B 397 -20.24 -34.00 15.28
C ALA B 397 -21.01 -32.71 14.98
N ASP B 398 -20.38 -31.84 14.19
CA ASP B 398 -21.00 -30.61 13.71
C ASP B 398 -21.34 -30.81 12.23
N ILE B 399 -22.60 -31.15 11.95
CA ILE B 399 -23.04 -31.57 10.61
C ILE B 399 -24.25 -30.75 10.15
N THR B 400 -24.39 -30.61 8.82
CA THR B 400 -25.61 -30.03 8.23
C THR B 400 -26.02 -30.79 6.97
N ILE B 401 -27.33 -30.97 6.81
CA ILE B 401 -27.92 -31.71 5.69
C ILE B 401 -28.58 -30.73 4.74
N ILE B 402 -28.24 -30.83 3.45
CA ILE B 402 -28.67 -29.86 2.45
C ILE B 402 -29.40 -30.54 1.29
N ASP B 403 -30.54 -29.97 0.92
CA ASP B 403 -31.32 -30.43 -0.23
C ASP B 403 -30.99 -29.58 -1.47
N LEU B 404 -30.42 -30.22 -2.48
CA LEU B 404 -30.02 -29.52 -3.72
C LEU B 404 -31.13 -29.48 -4.78
N GLU B 405 -32.20 -30.26 -4.58
CA GLU B 405 -33.24 -30.43 -5.60
C GLU B 405 -34.32 -29.36 -5.53
N GLN B 406 -34.93 -29.20 -4.36
CA GLN B 406 -36.13 -28.35 -4.23
C GLN B 406 -35.86 -26.89 -4.54
N GLU B 407 -36.55 -26.37 -5.55
CA GLU B 407 -36.54 -24.94 -5.84
C GLU B 407 -37.47 -24.22 -4.85
N GLU B 408 -37.03 -23.08 -4.34
CA GLU B 408 -37.80 -22.31 -3.37
C GLU B 408 -37.39 -20.84 -3.45
N GLU B 409 -38.38 -19.95 -3.45
CA GLU B 409 -38.14 -18.52 -3.45
C GLU B 409 -37.82 -18.03 -2.03
N ILE B 410 -36.80 -17.16 -1.91
CA ILE B 410 -36.39 -16.62 -0.62
C ILE B 410 -37.48 -15.67 -0.08
N ASP B 411 -37.97 -15.96 1.12
CA ASP B 411 -39.09 -15.22 1.71
C ASP B 411 -38.73 -14.65 3.09
N PRO B 412 -38.48 -13.32 3.17
CA PRO B 412 -38.17 -12.62 4.42
C PRO B 412 -39.17 -12.83 5.56
N THR B 413 -40.45 -12.97 5.25
CA THR B 413 -41.46 -13.17 6.30
C THR B 413 -41.29 -14.48 7.07
N THR B 414 -40.62 -15.47 6.47
CA THR B 414 -40.37 -16.76 7.10
C THR B 414 -38.92 -16.93 7.59
N PHE B 415 -38.30 -15.83 8.03
CA PHE B 415 -36.93 -15.84 8.55
C PHE B 415 -36.92 -15.89 10.07
N LEU B 416 -36.14 -16.81 10.63
CA LEU B 416 -35.97 -16.91 12.09
C LEU B 416 -35.17 -15.74 12.65
N SER B 417 -34.29 -15.16 11.83
CA SER B 417 -33.57 -13.95 12.19
C SER B 417 -34.53 -12.77 12.31
N LYS B 418 -34.25 -11.88 13.25
CA LYS B 418 -35.05 -10.66 13.43
C LYS B 418 -34.72 -9.59 12.38
N GLY B 419 -33.60 -9.77 11.68
CA GLY B 419 -33.22 -8.88 10.58
C GLY B 419 -33.77 -9.37 9.26
N LYS B 420 -34.76 -8.64 8.73
CA LYS B 420 -35.39 -8.96 7.45
C LYS B 420 -34.86 -8.08 6.30
N ASN B 421 -33.82 -7.30 6.57
CA ASN B 421 -33.17 -6.46 5.55
C ASN B 421 -32.34 -7.25 4.53
N THR B 422 -32.97 -7.64 3.42
CA THR B 422 -32.29 -8.38 2.34
C THR B 422 -32.72 -7.87 0.95
N PRO B 423 -31.79 -7.89 -0.03
CA PRO B 423 -32.15 -7.55 -1.40
C PRO B 423 -32.59 -8.74 -2.26
N PHE B 424 -32.46 -9.97 -1.75
CA PHE B 424 -32.70 -11.17 -2.55
C PHE B 424 -34.09 -11.80 -2.38
N ALA B 425 -35.08 -10.99 -1.97
CA ALA B 425 -36.47 -11.46 -1.87
C ALA B 425 -37.03 -11.82 -3.24
N GLY B 426 -37.69 -12.98 -3.34
CA GLY B 426 -38.27 -13.44 -4.60
C GLY B 426 -37.34 -14.23 -5.49
N TRP B 427 -36.03 -14.19 -5.20
CA TRP B 427 -35.04 -14.91 -5.99
C TRP B 427 -35.24 -16.41 -5.77
N LYS B 428 -35.49 -17.14 -6.85
CA LYS B 428 -35.63 -18.59 -6.76
C LYS B 428 -34.27 -19.22 -6.53
N CYS B 429 -34.22 -20.22 -5.65
CA CYS B 429 -32.96 -20.85 -5.25
C CYS B 429 -33.16 -22.33 -4.92
N GLN B 430 -32.09 -23.10 -5.14
CA GLN B 430 -31.97 -24.46 -4.64
C GLN B 430 -30.89 -24.45 -3.56
N GLY B 431 -30.51 -25.63 -3.05
CA GLY B 431 -29.44 -25.75 -2.07
C GLY B 431 -29.81 -25.19 -0.70
N TRP B 432 -30.92 -25.69 -0.14
CA TRP B 432 -31.44 -25.23 1.16
C TRP B 432 -31.11 -26.25 2.24
N PRO B 433 -30.51 -25.80 3.37
CA PRO B 433 -30.27 -26.72 4.48
C PRO B 433 -31.58 -27.20 5.11
N VAL B 434 -31.66 -28.50 5.35
CA VAL B 434 -32.88 -29.11 5.91
C VAL B 434 -32.70 -29.54 7.36
N MET B 435 -31.50 -29.96 7.76
CA MET B 435 -31.19 -30.23 9.16
C MET B 435 -29.77 -29.80 9.52
N THR B 436 -29.58 -29.39 10.77
CA THR B 436 -28.29 -28.89 11.27
C THR B 436 -28.03 -29.41 12.69
N ILE B 437 -26.86 -30.02 12.86
CA ILE B 437 -26.50 -30.74 14.08
C ILE B 437 -25.28 -30.09 14.75
N VAL B 438 -25.35 -29.91 16.07
CA VAL B 438 -24.29 -29.26 16.86
C VAL B 438 -23.82 -30.17 18.00
N GLY B 439 -22.73 -30.90 17.75
CA GLY B 439 -22.16 -31.83 18.73
C GLY B 439 -23.13 -32.93 19.11
N GLY B 440 -23.89 -33.42 18.14
CA GLY B 440 -24.92 -34.43 18.37
C GLY B 440 -26.32 -33.85 18.51
N LYS B 441 -26.45 -32.79 19.31
CA LYS B 441 -27.73 -32.14 19.57
C LYS B 441 -28.27 -31.41 18.35
N ILE B 442 -29.45 -31.82 17.86
CA ILE B 442 -30.08 -31.19 16.70
C ILE B 442 -30.65 -29.83 17.09
N ALA B 443 -30.13 -28.78 16.45
CA ALA B 443 -30.51 -27.39 16.75
C ALA B 443 -31.67 -26.90 15.90
N TRP B 444 -31.80 -27.43 14.68
CA TRP B 444 -32.83 -26.97 13.74
C TRP B 444 -33.10 -27.97 12.62
N GLN B 445 -34.36 -28.09 12.24
CA GLN B 445 -34.77 -28.87 11.07
C GLN B 445 -35.91 -28.19 10.31
N LYS B 446 -35.93 -28.39 8.99
CA LYS B 446 -36.99 -27.84 8.14
C LYS B 446 -38.28 -28.64 8.34
N GLU B 447 -39.40 -28.01 8.04
CA GLU B 447 -40.71 -28.63 8.20
C GLU B 447 -41.09 -29.53 7.01
N SER B 448 -40.43 -30.70 6.95
CA SER B 448 -40.68 -31.78 5.97
C SER B 448 -39.41 -32.58 5.70
N ALA B 449 -39.22 -33.69 6.42
CA ALA B 449 -38.05 -34.57 6.25
C ALA B 449 -38.43 -36.03 6.43
ZN ZN C . 14.86 16.69 0.18
ZN ZN D . 12.72 14.73 1.66
C6 NCD E . 16.26 17.77 3.72
C61 NCD E . 16.61 19.19 4.10
O61 NCD E . 17.47 19.41 4.99
O62 NCD E . 16.03 20.13 3.50
N1 NCD E . 16.99 16.79 4.54
C2 NCD E . 17.41 15.58 4.15
O2 NCD E . 18.05 14.89 4.93
N3 NCD E . 17.17 15.10 2.93
C5 NCD E . 14.72 17.59 3.78
C4 NCD E . 14.26 16.23 4.24
O4 NCD E . 13.61 16.15 5.31
O5 NCD E . 14.53 15.22 3.54
ZN ZN F . -19.04 -6.08 9.55
ZN ZN G . -17.21 -4.03 8.34
C6 NCD H . -21.67 -3.18 9.52
C61 NCD H . -22.74 -3.26 10.58
O61 NCD H . -23.83 -2.66 10.41
O62 NCD H . -22.51 -3.93 11.63
N1 NCD H . -22.16 -2.74 8.23
C2 NCD H . -22.34 -3.50 7.14
O2 NCD H . -22.70 -2.96 6.10
N3 NCD H . -22.16 -4.82 7.14
C5 NCD H . -20.58 -2.23 10.02
C4 NCD H . -19.58 -1.94 8.93
O4 NCD H . -19.35 -2.82 8.07
O5 NCD H . -19.02 -0.83 8.93
#